data_1JKM
#
_entry.id   1JKM
#
_cell.length_a   140.700
_cell.length_b   82.600
_cell.length_c   81.500
_cell.angle_alpha   90.00
_cell.angle_beta   112.50
_cell.angle_gamma   90.00
#
_symmetry.space_group_name_H-M   'C 1 2 1'
#
loop_
_entity.id
_entity.type
_entity.pdbx_description
1 polymer 'BREFELDIN A ESTERASE'
2 water water
#
_entity_poly.entity_id   1
_entity_poly.type   'polypeptide(L)'
_entity_poly.pdbx_seq_one_letter_code
;YTPPGRLGDESSGPRTDPRFSPAMVEALATFGLDAVAAAPPVSASDDLPTVLAAVGASHDGFQAVYDSIALDLPTDRDDV
ETSTETILGVDGNEITLHVFRPAGVEGVLPGLVYTHGGGMTILTTDNRVHRRWCTDLAAAGSVVVMVDFRNAWTAEGHHP
FPSGVEDCLAAVLWVDEHRESLGLSGVVVQGESGGGNLAIATTLLAKRRGRLDAIDGVYASIPYISGGYAWDHERRLTEL
PSLVENDGYFIENGGMALLVRAYDPTGEHAEDPIAWPYFASEDELRGLPPFVVAVNELDPLRDEGIAFARRLARAGVDVA
ARVNIGLVHGADVIFRHWLPAALESTVRDVAGFAADRARLR
;
_entity_poly.pdbx_strand_id   A,B
#
# COMPACT_ATOMS: atom_id res chain seq x y z
N PRO A 4 11.01 2.60 17.12
CA PRO A 4 10.77 3.88 16.49
C PRO A 4 10.06 4.90 17.38
N GLY A 5 10.07 6.16 16.96
CA GLY A 5 9.21 7.20 17.46
C GLY A 5 9.34 7.34 18.98
N ARG A 6 8.20 7.56 19.65
CA ARG A 6 8.24 7.74 21.10
C ARG A 6 8.36 6.42 21.87
N LEU A 7 8.50 5.28 21.19
CA LEU A 7 8.92 4.07 21.90
C LEU A 7 10.41 4.15 22.25
N GLY A 8 11.19 4.70 21.32
CA GLY A 8 12.65 4.73 21.50
C GLY A 8 13.00 6.00 22.27
N ASP A 9 12.31 7.10 21.96
CA ASP A 9 12.62 8.36 22.64
C ASP A 9 11.38 9.13 22.98
N GLU A 10 11.06 9.36 24.25
CA GLU A 10 9.77 9.91 24.67
C GLU A 10 9.55 11.35 24.20
N SER A 11 10.63 12.07 23.98
CA SER A 11 10.63 13.42 23.48
C SER A 11 10.49 13.53 21.97
N SER A 12 10.41 12.42 21.24
CA SER A 12 10.37 12.46 19.79
C SER A 12 9.20 13.24 19.24
N GLY A 13 9.40 13.96 18.13
CA GLY A 13 8.34 14.80 17.55
C GLY A 13 8.57 14.91 16.04
N PRO A 14 7.68 15.59 15.32
CA PRO A 14 7.78 15.65 13.87
C PRO A 14 9.09 16.29 13.43
N ARG A 15 9.58 17.29 14.20
CA ARG A 15 10.85 17.89 13.80
C ARG A 15 12.03 16.99 14.08
N THR A 16 11.94 16.06 15.03
CA THR A 16 13.10 15.24 15.34
C THR A 16 12.98 13.78 14.92
N ASP A 17 11.78 13.28 14.61
CA ASP A 17 11.72 11.85 14.21
C ASP A 17 12.14 11.75 12.78
N PRO A 18 13.17 10.93 12.46
CA PRO A 18 13.69 10.79 11.12
C PRO A 18 12.85 10.05 10.09
N ARG A 19 11.68 9.51 10.49
CA ARG A 19 10.76 8.92 9.49
C ARG A 19 9.95 9.97 8.78
N PHE A 20 9.92 11.23 9.27
CA PHE A 20 9.13 12.27 8.59
C PHE A 20 9.88 12.80 7.36
N SER A 21 9.27 12.99 6.21
CA SER A 21 9.88 13.76 5.12
C SER A 21 9.81 15.26 5.40
N PRO A 22 10.56 16.05 4.62
CA PRO A 22 10.52 17.49 4.75
C PRO A 22 9.13 18.00 4.35
N ALA A 23 8.50 17.26 3.40
CA ALA A 23 7.23 17.79 2.92
C ALA A 23 6.16 17.53 4.00
N MET A 24 6.37 16.42 4.73
CA MET A 24 5.35 16.16 5.78
C MET A 24 5.50 17.22 6.87
N VAL A 25 6.77 17.54 7.20
CA VAL A 25 6.98 18.51 8.28
C VAL A 25 6.48 19.87 7.86
N GLU A 26 6.69 20.23 6.60
CA GLU A 26 6.27 21.51 6.08
C GLU A 26 4.76 21.68 6.11
N ALA A 27 4.04 20.61 5.73
CA ALA A 27 2.58 20.64 5.79
C ALA A 27 2.10 20.90 7.19
N LEU A 28 2.68 20.28 8.21
CA LEU A 28 2.24 20.38 9.57
C LEU A 28 2.57 21.74 10.19
N ALA A 29 3.69 22.29 9.72
CA ALA A 29 4.13 23.60 10.23
C ALA A 29 3.14 24.71 9.89
N THR A 30 2.31 24.57 8.90
CA THR A 30 1.32 25.54 8.50
C THR A 30 0.52 26.05 9.69
N PHE A 31 0.03 25.19 10.56
CA PHE A 31 -0.82 25.58 11.68
C PHE A 31 -0.13 25.24 12.96
N GLY A 32 1.22 25.25 12.97
CA GLY A 32 1.98 24.87 14.13
C GLY A 32 1.71 23.48 14.68
N LEU A 33 1.54 22.50 13.81
CA LEU A 33 1.30 21.11 14.13
C LEU A 33 2.56 20.29 13.98
N ASP A 34 3.71 20.93 13.77
CA ASP A 34 5.02 20.30 13.75
C ASP A 34 5.59 20.11 15.15
N ALA A 35 4.91 20.63 16.15
CA ALA A 35 5.14 20.29 17.53
C ALA A 35 4.15 19.19 17.95
N VAL A 36 4.58 18.44 18.94
CA VAL A 36 3.77 17.35 19.48
C VAL A 36 2.50 17.91 20.07
N ALA A 37 1.34 17.36 19.72
CA ALA A 37 0.07 17.92 20.17
C ALA A 37 -0.12 17.70 21.67
N ALA A 38 -0.68 18.70 22.34
CA ALA A 38 -0.80 18.58 23.81
C ALA A 38 -2.18 18.06 24.21
N ALA A 39 -2.18 17.31 25.31
CA ALA A 39 -3.47 16.86 25.87
C ALA A 39 -4.35 18.06 26.17
N PRO A 40 -5.65 17.94 25.89
CA PRO A 40 -6.62 18.92 26.35
C PRO A 40 -6.73 18.88 27.87
N PRO A 41 -7.28 19.95 28.44
CA PRO A 41 -7.34 20.12 29.89
C PRO A 41 -8.63 19.56 30.48
N VAL A 42 -9.61 19.26 29.65
CA VAL A 42 -10.72 18.39 30.05
C VAL A 42 -10.36 16.92 29.88
N SER A 43 -10.79 16.06 30.79
CA SER A 43 -10.63 14.63 30.61
C SER A 43 -11.93 13.96 30.22
N ALA A 44 -11.82 12.77 29.63
CA ALA A 44 -12.99 12.01 29.22
C ALA A 44 -13.81 11.51 30.42
N SER A 45 -13.23 11.43 31.61
CA SER A 45 -14.00 11.05 32.79
C SER A 45 -14.62 12.22 33.53
N ASP A 46 -14.56 13.44 33.01
CA ASP A 46 -15.32 14.58 33.53
C ASP A 46 -16.79 14.49 33.17
N ASP A 47 -17.61 15.40 33.69
CA ASP A 47 -19.04 15.37 33.46
C ASP A 47 -19.36 15.61 31.99
N LEU A 48 -20.46 15.01 31.52
CA LEU A 48 -20.78 15.09 30.11
C LEU A 48 -20.84 16.50 29.55
N PRO A 49 -21.53 17.42 30.20
CA PRO A 49 -21.58 18.81 29.77
C PRO A 49 -20.22 19.41 29.51
N THR A 50 -19.24 19.19 30.36
CA THR A 50 -17.90 19.73 30.16
C THR A 50 -17.15 19.06 29.02
N VAL A 51 -17.24 17.73 28.97
CA VAL A 51 -16.79 16.97 27.82
C VAL A 51 -17.38 17.51 26.53
N LEU A 52 -18.69 17.67 26.40
CA LEU A 52 -19.28 18.07 25.15
C LEU A 52 -18.83 19.47 24.71
N ALA A 53 -18.69 20.39 25.66
CA ALA A 53 -18.10 21.69 25.34
C ALA A 53 -16.73 21.56 24.72
N ALA A 54 -15.80 20.87 25.38
CA ALA A 54 -14.49 20.60 24.83
C ALA A 54 -14.53 19.96 23.44
N VAL A 55 -15.46 19.05 23.16
CA VAL A 55 -15.66 18.49 21.84
C VAL A 55 -16.18 19.48 20.82
N GLY A 56 -17.04 20.43 21.23
CA GLY A 56 -17.44 21.48 20.29
C GLY A 56 -16.25 22.39 19.97
N ALA A 57 -15.36 22.61 20.93
CA ALA A 57 -14.14 23.37 20.69
C ALA A 57 -13.26 22.68 19.64
N SER A 58 -13.14 21.37 19.76
CA SER A 58 -12.39 20.56 18.81
C SER A 58 -12.93 20.67 17.41
N HIS A 59 -14.26 20.56 17.29
CA HIS A 59 -14.91 20.72 15.99
C HIS A 59 -14.44 22.04 15.39
N ASP A 60 -14.53 23.13 16.16
CA ASP A 60 -14.18 24.44 15.59
C ASP A 60 -12.73 24.44 15.13
N GLY A 61 -11.85 23.83 15.91
CA GLY A 61 -10.43 23.78 15.62
C GLY A 61 -10.10 23.02 14.35
N PHE A 62 -10.62 21.78 14.23
CA PHE A 62 -10.35 21.04 13.00
C PHE A 62 -11.08 21.63 11.82
N GLN A 63 -12.33 22.06 12.00
CA GLN A 63 -13.08 22.64 10.90
C GLN A 63 -12.32 23.86 10.34
N ALA A 64 -11.70 24.64 11.21
CA ALA A 64 -10.92 25.79 10.77
C ALA A 64 -9.74 25.38 9.89
N VAL A 65 -8.95 24.38 10.24
CA VAL A 65 -7.97 23.83 9.30
C VAL A 65 -8.56 23.43 7.99
N TYR A 66 -9.64 22.60 7.91
CA TYR A 66 -10.22 22.24 6.63
C TYR A 66 -10.65 23.44 5.81
N ASP A 67 -11.25 24.45 6.48
CA ASP A 67 -11.80 25.57 5.71
C ASP A 67 -10.68 26.56 5.23
N SER A 68 -9.49 26.45 5.78
CA SER A 68 -8.48 27.48 5.56
C SER A 68 -7.29 27.05 4.70
N ILE A 69 -7.01 25.75 4.68
CA ILE A 69 -5.65 25.30 4.26
C ILE A 69 -5.55 25.29 2.76
N ALA A 70 -4.32 25.48 2.22
CA ALA A 70 -4.09 25.18 0.81
C ALA A 70 -4.45 23.70 0.51
N LEU A 71 -5.07 23.46 -0.60
CA LEU A 71 -5.63 22.14 -0.91
C LEU A 71 -5.40 21.81 -2.35
N ASP A 72 -4.97 22.79 -3.18
CA ASP A 72 -4.98 22.64 -4.61
C ASP A 72 -3.73 21.95 -5.16
N LEU A 73 -3.93 21.12 -6.17
CA LEU A 73 -2.80 20.53 -6.91
C LEU A 73 -3.04 20.80 -8.40
N PRO A 74 -1.95 20.83 -9.18
CA PRO A 74 -2.02 21.26 -10.56
C PRO A 74 -2.80 20.23 -11.35
N THR A 75 -2.71 18.96 -10.95
CA THR A 75 -3.36 17.87 -11.67
C THR A 75 -4.80 17.62 -11.30
N ASP A 76 -5.41 18.35 -10.36
CA ASP A 76 -6.82 18.16 -10.02
C ASP A 76 -7.75 18.20 -11.21
N ARG A 77 -8.69 17.25 -11.29
CA ARG A 77 -9.71 17.18 -12.32
C ARG A 77 -11.06 17.70 -11.84
N ASP A 78 -11.85 18.39 -12.67
CA ASP A 78 -12.97 19.15 -12.12
C ASP A 78 -14.26 18.98 -12.93
N ASP A 79 -14.25 18.08 -13.89
CA ASP A 79 -15.35 17.92 -14.82
C ASP A 79 -16.36 16.90 -14.26
N VAL A 80 -16.94 17.24 -13.12
CA VAL A 80 -17.86 16.31 -12.47
C VAL A 80 -19.17 17.03 -12.18
N GLU A 81 -20.27 16.32 -12.25
CA GLU A 81 -21.60 16.87 -12.08
C GLU A 81 -22.03 16.56 -10.66
N THR A 82 -22.66 17.45 -9.93
CA THR A 82 -23.18 17.10 -8.60
C THR A 82 -24.71 17.15 -8.56
N SER A 83 -25.29 16.41 -7.63
CA SER A 83 -26.69 16.62 -7.25
C SER A 83 -26.95 16.18 -5.84
N THR A 84 -28.19 16.31 -5.39
CA THR A 84 -28.57 15.97 -4.03
C THR A 84 -29.80 15.07 -4.06
N GLU A 85 -29.85 14.14 -3.11
CA GLU A 85 -31.09 13.42 -2.84
C GLU A 85 -31.34 13.56 -1.35
N THR A 86 -32.59 13.37 -0.89
CA THR A 86 -32.91 13.39 0.51
C THR A 86 -33.71 12.10 0.84
N ILE A 87 -33.26 11.40 1.85
CA ILE A 87 -33.92 10.18 2.28
C ILE A 87 -34.24 10.31 3.76
N LEU A 88 -35.10 9.37 4.26
CA LEU A 88 -35.51 9.41 5.64
C LEU A 88 -34.75 8.37 6.46
N GLY A 89 -34.33 8.75 7.65
CA GLY A 89 -33.59 7.87 8.52
C GLY A 89 -34.57 7.23 9.52
N VAL A 90 -34.01 6.66 10.55
CA VAL A 90 -34.71 5.77 11.51
C VAL A 90 -35.55 6.56 12.47
N ASP A 91 -35.24 7.85 12.61
CA ASP A 91 -35.93 8.74 13.53
C ASP A 91 -36.88 9.65 12.80
N GLY A 92 -37.19 9.45 11.55
CA GLY A 92 -37.78 10.39 10.63
C GLY A 92 -36.88 11.59 10.27
N ASN A 93 -35.61 11.61 10.64
CA ASN A 93 -34.62 12.60 10.23
C ASN A 93 -34.32 12.58 8.76
N GLU A 94 -34.11 13.78 8.16
CA GLU A 94 -33.82 13.81 6.72
C GLU A 94 -32.29 13.61 6.59
N ILE A 95 -31.91 12.76 5.68
CA ILE A 95 -30.50 12.53 5.39
C ILE A 95 -30.21 12.99 3.97
N THR A 96 -29.28 13.98 3.88
CA THR A 96 -28.90 14.44 2.56
C THR A 96 -27.80 13.55 1.99
N LEU A 97 -28.00 13.23 0.73
CA LEU A 97 -27.00 12.51 -0.05
C LEU A 97 -26.44 13.49 -1.11
N HIS A 98 -25.12 13.64 -1.08
CA HIS A 98 -24.46 14.37 -2.18
C HIS A 98 -23.95 13.45 -3.24
N VAL A 99 -24.38 13.53 -4.50
CA VAL A 99 -23.99 12.60 -5.54
C VAL A 99 -23.02 13.24 -6.55
N PHE A 100 -21.87 12.60 -6.76
CA PHE A 100 -20.85 13.11 -7.71
C PHE A 100 -20.63 12.15 -8.85
N ARG A 101 -20.60 12.60 -10.12
CA ARG A 101 -20.35 11.69 -11.21
C ARG A 101 -19.61 12.47 -12.33
N PRO A 102 -18.85 11.77 -13.12
CA PRO A 102 -18.06 12.41 -14.17
C PRO A 102 -18.96 13.01 -15.24
N ALA A 103 -18.80 14.28 -15.59
CA ALA A 103 -19.69 14.93 -16.54
C ALA A 103 -19.64 14.22 -17.89
N GLY A 104 -20.82 13.94 -18.44
CA GLY A 104 -20.94 13.45 -19.80
C GLY A 104 -20.47 12.03 -20.02
N VAL A 105 -20.41 11.20 -18.99
CA VAL A 105 -20.27 9.76 -19.17
C VAL A 105 -21.63 9.10 -19.09
N GLU A 106 -21.98 8.33 -20.12
CA GLU A 106 -23.21 7.53 -20.06
C GLU A 106 -22.86 6.09 -19.71
N GLY A 107 -23.87 5.35 -19.24
CA GLY A 107 -23.64 3.92 -19.02
C GLY A 107 -23.17 3.70 -17.58
N VAL A 108 -23.09 2.42 -17.19
CA VAL A 108 -23.00 2.11 -15.77
C VAL A 108 -21.56 2.40 -15.33
N LEU A 109 -21.42 2.82 -14.10
CA LEU A 109 -20.10 3.06 -13.48
C LEU A 109 -20.07 2.39 -12.12
N PRO A 110 -18.90 1.97 -11.66
CA PRO A 110 -18.70 1.60 -10.27
C PRO A 110 -19.23 2.64 -9.32
N GLY A 111 -19.87 2.27 -8.23
CA GLY A 111 -20.33 3.17 -7.20
C GLY A 111 -19.53 3.08 -5.91
N LEU A 112 -19.43 4.20 -5.22
CA LEU A 112 -18.75 4.28 -3.93
C LEU A 112 -19.62 5.10 -3.00
N VAL A 113 -19.98 4.63 -1.83
CA VAL A 113 -20.64 5.35 -0.77
C VAL A 113 -19.57 5.80 0.21
N TYR A 114 -19.46 7.11 0.37
CA TYR A 114 -18.38 7.72 1.17
C TYR A 114 -18.85 8.15 2.52
N THR A 115 -18.22 7.60 3.58
CA THR A 115 -18.53 8.10 4.91
C THR A 115 -17.33 8.87 5.44
N HIS A 116 -17.56 10.10 5.85
CA HIS A 116 -16.40 10.96 6.19
C HIS A 116 -15.90 10.79 7.60
N GLY A 117 -14.69 11.36 7.86
CA GLY A 117 -13.97 11.27 9.09
C GLY A 117 -14.43 12.27 10.14
N GLY A 118 -13.83 12.28 11.29
CA GLY A 118 -14.13 13.15 12.42
C GLY A 118 -14.68 12.37 13.61
N GLY A 119 -14.21 11.11 13.75
CA GLY A 119 -14.41 10.39 15.02
C GLY A 119 -15.88 10.05 15.18
N MET A 120 -16.66 10.00 14.12
CA MET A 120 -18.11 9.97 14.10
C MET A 120 -18.78 11.10 14.87
N THR A 121 -18.07 12.19 15.20
CA THR A 121 -18.56 13.14 16.22
C THR A 121 -18.44 14.58 15.73
N ILE A 122 -17.36 14.86 14.96
CA ILE A 122 -17.11 16.26 14.54
C ILE A 122 -16.88 16.32 13.03
N LEU A 123 -16.82 17.57 12.53
CA LEU A 123 -16.61 17.93 11.16
C LEU A 123 -17.91 17.87 10.38
N THR A 124 -18.08 18.85 9.51
CA THR A 124 -19.27 19.01 8.66
C THR A 124 -19.18 18.05 7.49
N THR A 125 -20.25 17.57 6.87
CA THR A 125 -20.21 16.74 5.72
C THR A 125 -19.82 17.56 4.47
N ASP A 126 -20.59 18.63 4.24
CA ASP A 126 -20.35 19.31 2.95
C ASP A 126 -19.29 20.40 3.14
N ASN A 127 -18.03 20.00 2.99
CA ASN A 127 -16.95 20.97 3.17
C ASN A 127 -15.90 20.74 2.11
N ARG A 128 -14.93 21.67 1.96
CA ARG A 128 -14.16 21.59 0.67
C ARG A 128 -13.21 20.40 0.68
N VAL A 129 -12.79 19.94 1.86
CA VAL A 129 -11.88 18.79 1.90
C VAL A 129 -12.64 17.55 1.39
N HIS A 130 -13.82 17.29 2.01
CA HIS A 130 -14.64 16.18 1.54
C HIS A 130 -15.02 16.29 0.10
N ARG A 131 -15.50 17.44 -0.40
CA ARG A 131 -15.81 17.63 -1.81
C ARG A 131 -14.63 17.33 -2.76
N ARG A 132 -13.46 17.73 -2.32
CA ARG A 132 -12.25 17.49 -3.19
C ARG A 132 -11.98 16.01 -3.32
N TRP A 133 -12.12 15.28 -2.20
CA TRP A 133 -11.95 13.85 -2.26
C TRP A 133 -13.00 13.19 -3.12
N CYS A 134 -14.30 13.52 -3.00
CA CYS A 134 -15.34 12.91 -3.83
C CYS A 134 -15.19 13.30 -5.31
N THR A 135 -14.67 14.49 -5.57
CA THR A 135 -14.47 14.91 -7.00
C THR A 135 -13.30 14.13 -7.58
N ASP A 136 -12.23 13.92 -6.80
CA ASP A 136 -11.12 13.09 -7.29
C ASP A 136 -11.57 11.69 -7.73
N LEU A 137 -12.24 11.00 -6.79
CA LEU A 137 -12.82 9.70 -7.12
C LEU A 137 -13.75 9.63 -8.30
N ALA A 138 -14.71 10.56 -8.37
CA ALA A 138 -15.62 10.59 -9.51
C ALA A 138 -14.92 10.89 -10.84
N ALA A 139 -13.97 11.83 -10.81
CA ALA A 139 -13.19 12.10 -12.02
C ALA A 139 -12.43 10.86 -12.45
N ALA A 140 -12.02 9.95 -11.57
CA ALA A 140 -11.34 8.74 -11.97
C ALA A 140 -12.28 7.67 -12.52
N GLY A 141 -13.60 7.89 -12.49
CA GLY A 141 -14.58 7.11 -13.25
C GLY A 141 -15.49 6.34 -12.26
N SER A 142 -15.90 6.99 -11.19
CA SER A 142 -16.86 6.43 -10.23
C SER A 142 -18.13 7.28 -10.13
N VAL A 143 -19.23 6.70 -9.61
CA VAL A 143 -20.27 7.53 -9.03
C VAL A 143 -20.09 7.52 -7.53
N VAL A 144 -20.04 8.65 -6.85
CA VAL A 144 -19.72 8.73 -5.45
C VAL A 144 -20.96 9.33 -4.76
N VAL A 145 -21.40 8.62 -3.74
CA VAL A 145 -22.49 9.12 -2.89
C VAL A 145 -22.00 9.45 -1.50
N MET A 146 -21.92 10.78 -1.20
CA MET A 146 -21.41 11.12 0.13
C MET A 146 -22.62 11.25 1.08
N VAL A 147 -22.53 10.61 2.23
CA VAL A 147 -23.67 10.55 3.14
C VAL A 147 -23.59 11.59 4.22
N ASP A 148 -24.62 12.39 4.40
CA ASP A 148 -24.60 13.30 5.55
C ASP A 148 -25.26 12.64 6.75
N PHE A 149 -24.52 11.84 7.50
CA PHE A 149 -25.02 11.21 8.71
C PHE A 149 -25.03 12.21 9.82
N ARG A 150 -25.86 12.08 10.86
CA ARG A 150 -25.70 12.78 12.09
C ARG A 150 -24.41 12.55 12.80
N ASN A 151 -23.65 13.65 13.10
CA ASN A 151 -22.52 13.53 14.01
C ASN A 151 -23.02 13.36 15.44
N ALA A 152 -22.20 12.91 16.37
CA ALA A 152 -22.58 12.73 17.74
C ALA A 152 -22.63 14.09 18.46
N TRP A 153 -21.76 14.98 18.00
CA TRP A 153 -21.82 16.35 18.58
C TRP A 153 -22.27 17.29 17.48
N THR A 154 -23.23 18.12 17.87
CA THR A 154 -23.71 19.22 17.01
C THR A 154 -23.94 20.39 17.93
N ALA A 155 -23.88 21.61 17.43
CA ALA A 155 -24.14 22.76 18.31
C ALA A 155 -25.55 22.70 18.88
N GLU A 156 -26.49 22.18 18.11
CA GLU A 156 -27.87 22.00 18.50
C GLU A 156 -28.30 20.59 18.91
N GLY A 157 -27.46 19.84 19.64
CA GLY A 157 -27.87 18.52 20.08
C GLY A 157 -26.86 17.41 20.02
N HIS A 158 -27.04 16.40 20.85
CA HIS A 158 -26.20 15.24 21.03
C HIS A 158 -26.81 14.00 20.39
N HIS A 159 -26.08 13.28 19.54
CA HIS A 159 -26.58 12.10 18.84
C HIS A 159 -25.64 10.92 18.99
N PRO A 160 -25.66 10.25 20.14
CA PRO A 160 -24.64 9.26 20.43
C PRO A 160 -25.01 7.99 19.64
N PHE A 161 -24.17 6.98 19.75
CA PHE A 161 -24.36 5.71 19.03
C PHE A 161 -25.75 5.18 19.45
N PRO A 162 -26.54 4.61 18.57
CA PRO A 162 -26.15 4.32 17.20
C PRO A 162 -26.73 5.18 16.11
N SER A 163 -26.96 6.48 16.31
CA SER A 163 -27.66 7.26 15.28
C SER A 163 -26.94 7.38 13.94
N GLY A 164 -25.64 7.68 14.05
CA GLY A 164 -24.89 7.87 12.78
C GLY A 164 -24.73 6.60 11.98
N VAL A 165 -24.57 5.42 12.66
CA VAL A 165 -24.42 4.20 11.88
C VAL A 165 -25.73 3.77 11.28
N GLU A 166 -26.86 4.09 11.95
CA GLU A 166 -28.17 3.84 11.33
C GLU A 166 -28.35 4.73 10.12
N ASP A 167 -27.97 6.00 10.23
CA ASP A 167 -28.01 6.86 9.03
C ASP A 167 -27.16 6.31 7.91
N CYS A 168 -25.90 5.83 8.22
CA CYS A 168 -25.14 5.25 7.11
C CYS A 168 -25.77 3.95 6.57
N LEU A 169 -26.32 3.09 7.42
CA LEU A 169 -26.97 1.91 6.77
C LEU A 169 -28.12 2.28 5.87
N ALA A 170 -29.01 3.19 6.35
CA ALA A 170 -30.11 3.69 5.53
C ALA A 170 -29.74 4.16 4.15
N ALA A 171 -28.62 4.93 4.11
CA ALA A 171 -28.08 5.39 2.84
C ALA A 171 -27.60 4.24 2.01
N VAL A 172 -26.85 3.28 2.59
CA VAL A 172 -26.33 2.19 1.75
C VAL A 172 -27.45 1.31 1.16
N LEU A 173 -28.45 1.02 2.01
CA LEU A 173 -29.62 0.29 1.44
C LEU A 173 -30.38 1.10 0.44
N TRP A 174 -30.62 2.41 0.60
CA TRP A 174 -31.19 3.21 -0.50
C TRP A 174 -30.41 3.15 -1.77
N VAL A 175 -29.06 3.26 -1.72
CA VAL A 175 -28.26 3.22 -2.93
C VAL A 175 -28.33 1.87 -3.61
N ASP A 176 -28.28 0.79 -2.82
CA ASP A 176 -28.47 -0.55 -3.36
C ASP A 176 -29.80 -0.72 -4.09
N GLU A 177 -30.86 -0.09 -3.60
CA GLU A 177 -32.19 -0.21 -4.24
C GLU A 177 -32.30 0.64 -5.48
N HIS A 178 -31.39 1.62 -5.57
CA HIS A 178 -31.37 2.52 -6.72
C HIS A 178 -30.19 2.28 -7.62
N ARG A 179 -29.68 1.03 -7.71
CA ARG A 179 -28.50 0.80 -8.53
C ARG A 179 -28.82 1.20 -9.97
N GLU A 180 -30.04 0.80 -10.38
CA GLU A 180 -30.42 0.92 -11.77
C GLU A 180 -30.55 2.39 -12.15
N SER A 181 -31.26 3.17 -11.34
CA SER A 181 -31.46 4.57 -11.66
C SER A 181 -30.27 5.46 -11.35
N LEU A 182 -29.43 5.13 -10.38
CA LEU A 182 -28.12 5.80 -10.29
C LEU A 182 -27.17 5.40 -11.39
N GLY A 183 -27.34 4.24 -12.03
CA GLY A 183 -26.40 3.72 -13.01
C GLY A 183 -25.14 3.10 -12.41
N LEU A 184 -25.31 2.22 -11.43
CA LEU A 184 -24.14 1.63 -10.75
C LEU A 184 -23.92 0.18 -11.15
N SER A 185 -22.65 -0.20 -11.37
CA SER A 185 -22.32 -1.62 -11.57
C SER A 185 -21.82 -2.31 -10.32
N GLY A 186 -21.68 -1.53 -9.23
CA GLY A 186 -21.16 -2.02 -7.96
C GLY A 186 -21.39 -0.99 -6.87
N VAL A 187 -21.42 -1.43 -5.62
CA VAL A 187 -21.44 -0.55 -4.46
C VAL A 187 -20.31 -0.92 -3.52
N VAL A 188 -19.35 0.01 -3.32
CA VAL A 188 -18.33 -0.18 -2.29
C VAL A 188 -18.48 0.91 -1.27
N VAL A 189 -18.29 0.61 0.00
CA VAL A 189 -18.35 1.63 1.02
C VAL A 189 -16.91 2.00 1.40
N GLN A 190 -16.61 3.30 1.46
CA GLN A 190 -15.23 3.73 1.75
C GLN A 190 -15.30 4.93 2.71
N GLY A 191 -14.43 4.98 3.69
CA GLY A 191 -14.23 6.21 4.46
C GLY A 191 -12.93 6.16 5.20
N GLU A 192 -12.57 7.28 5.84
CA GLU A 192 -11.29 7.35 6.53
C GLU A 192 -11.60 7.69 7.98
N SER A 193 -10.87 7.12 8.89
CA SER A 193 -10.79 7.50 10.25
C SER A 193 -12.08 7.21 11.02
N GLY A 194 -12.82 8.20 11.52
CA GLY A 194 -14.21 7.90 11.97
C GLY A 194 -15.06 7.28 10.88
N GLY A 195 -14.85 7.60 9.60
CA GLY A 195 -15.66 7.16 8.49
C GLY A 195 -15.26 5.75 8.07
N GLY A 196 -14.01 5.39 8.38
CA GLY A 196 -13.62 3.99 8.23
C GLY A 196 -14.27 3.12 9.36
N ASN A 197 -14.38 3.63 10.55
CA ASN A 197 -15.27 2.99 11.59
C ASN A 197 -16.64 2.77 11.00
N LEU A 198 -17.29 3.82 10.49
CA LEU A 198 -18.63 3.69 9.98
C LEU A 198 -18.78 2.74 8.81
N ALA A 199 -17.77 2.73 7.89
CA ALA A 199 -17.92 1.88 6.73
C ALA A 199 -17.96 0.41 7.19
N ILE A 200 -17.05 0.08 8.08
CA ILE A 200 -17.00 -1.26 8.65
C ILE A 200 -18.26 -1.57 9.52
N ALA A 201 -18.65 -0.67 10.41
CA ALA A 201 -19.81 -0.89 11.27
C ALA A 201 -21.10 -0.99 10.50
N THR A 202 -21.28 -0.29 9.38
CA THR A 202 -22.42 -0.37 8.52
C THR A 202 -22.49 -1.73 7.84
N THR A 203 -21.32 -2.27 7.49
CA THR A 203 -21.26 -3.57 6.82
C THR A 203 -21.63 -4.68 7.86
N LEU A 204 -21.11 -4.63 9.04
CA LEU A 204 -21.47 -5.59 10.08
C LEU A 204 -22.96 -5.50 10.44
N LEU A 205 -23.50 -4.29 10.52
CA LEU A 205 -24.93 -4.13 10.76
C LEU A 205 -25.76 -4.66 9.61
N ALA A 206 -25.42 -4.51 8.33
CA ALA A 206 -26.05 -5.09 7.21
C ALA A 206 -26.01 -6.64 7.27
N LYS A 207 -24.88 -7.18 7.69
CA LYS A 207 -24.80 -8.61 7.82
C LYS A 207 -25.79 -9.16 8.88
N ARG A 208 -25.91 -8.50 10.00
CA ARG A 208 -26.81 -8.85 11.09
C ARG A 208 -28.26 -8.81 10.64
N ARG A 209 -28.63 -7.83 9.82
CA ARG A 209 -29.97 -7.71 9.31
C ARG A 209 -30.26 -8.44 8.03
N GLY A 210 -29.37 -9.33 7.51
CA GLY A 210 -29.72 -10.06 6.32
C GLY A 210 -29.53 -9.31 5.04
N ARG A 211 -28.78 -8.19 5.08
CA ARG A 211 -28.76 -7.34 3.87
C ARG A 211 -27.30 -7.11 3.40
N LEU A 212 -26.39 -7.99 3.74
CA LEU A 212 -25.03 -8.02 3.22
C LEU A 212 -24.90 -7.96 1.72
N ASP A 213 -25.84 -8.47 0.92
CA ASP A 213 -25.74 -8.38 -0.52
C ASP A 213 -25.86 -6.96 -1.08
N ALA A 214 -26.27 -5.97 -0.31
CA ALA A 214 -26.16 -4.59 -0.68
C ALA A 214 -24.67 -4.12 -0.86
N ILE A 215 -23.69 -4.74 -0.24
CA ILE A 215 -22.33 -4.19 -0.22
C ILE A 215 -21.38 -5.11 -1.00
N ASP A 216 -20.78 -4.64 -2.08
CA ASP A 216 -19.85 -5.46 -2.86
C ASP A 216 -18.40 -5.44 -2.33
N GLY A 217 -18.05 -4.48 -1.49
CA GLY A 217 -16.65 -4.47 -0.97
C GLY A 217 -16.47 -3.24 -0.04
N VAL A 218 -15.46 -3.25 0.81
CA VAL A 218 -15.28 -2.17 1.80
C VAL A 218 -13.82 -1.69 1.65
N TYR A 219 -13.67 -0.37 1.61
CA TYR A 219 -12.27 0.19 1.66
C TYR A 219 -12.12 0.98 2.91
N ALA A 220 -11.42 0.49 3.96
CA ALA A 220 -11.42 1.19 5.22
C ALA A 220 -10.07 1.96 5.31
N SER A 221 -10.17 3.30 5.30
CA SER A 221 -8.87 4.04 5.41
C SER A 221 -8.55 4.45 6.77
N ILE A 222 -7.33 4.37 7.36
CA ILE A 222 -6.89 4.78 8.63
C ILE A 222 -7.99 4.71 9.70
N PRO A 223 -8.53 3.49 9.89
CA PRO A 223 -9.75 3.35 10.68
C PRO A 223 -9.57 3.59 12.16
N TYR A 224 -10.58 4.25 12.73
CA TYR A 224 -10.59 4.64 14.15
C TYR A 224 -11.60 3.75 14.95
N ILE A 225 -11.10 2.62 15.45
CA ILE A 225 -11.99 1.48 15.69
C ILE A 225 -11.79 0.85 17.06
N SER A 226 -10.79 1.16 17.84
CA SER A 226 -10.57 0.53 19.14
C SER A 226 -11.39 1.19 20.23
N GLY A 227 -11.39 2.52 20.21
CA GLY A 227 -11.94 3.28 21.36
C GLY A 227 -11.09 3.20 22.58
N GLY A 228 -9.79 2.86 22.44
CA GLY A 228 -8.91 2.62 23.55
C GLY A 228 -8.03 3.79 23.92
N TYR A 229 -8.41 5.02 23.55
CA TYR A 229 -7.46 6.14 23.65
C TYR A 229 -7.27 6.56 25.09
N ALA A 230 -8.24 6.23 25.98
CA ALA A 230 -8.05 6.52 27.40
C ALA A 230 -7.41 5.38 28.16
N TRP A 231 -7.14 4.22 27.56
CA TRP A 231 -6.47 3.16 28.30
C TRP A 231 -5.15 3.68 28.90
N ASP A 232 -4.64 2.95 29.91
CA ASP A 232 -3.42 3.45 30.54
C ASP A 232 -2.23 3.14 29.66
N HIS A 233 -1.09 3.74 29.99
CA HIS A 233 0.12 3.57 29.19
C HIS A 233 0.51 2.11 29.00
N GLU A 234 0.49 1.26 30.06
CA GLU A 234 0.94 -0.12 29.89
C GLU A 234 0.00 -0.94 29.02
N ARG A 235 -1.31 -0.67 29.10
CA ARG A 235 -2.20 -1.39 28.18
C ARG A 235 -2.00 -0.91 26.73
N ARG A 236 -1.78 0.39 26.56
CA ARG A 236 -1.49 0.90 25.20
C ARG A 236 -0.19 0.34 24.70
N LEU A 237 0.86 0.31 25.52
CA LEU A 237 2.16 -0.18 25.09
C LEU A 237 2.11 -1.64 24.68
N THR A 238 1.40 -2.49 25.43
CA THR A 238 1.41 -3.91 25.08
C THR A 238 0.37 -4.33 24.07
N GLU A 239 -0.81 -3.75 24.03
CA GLU A 239 -1.80 -4.17 23.04
C GLU A 239 -1.68 -3.41 21.71
N LEU A 240 -1.49 -2.10 21.75
CA LEU A 240 -1.53 -1.30 20.48
C LEU A 240 -0.41 -0.24 20.51
N PRO A 241 0.84 -0.67 20.39
CA PRO A 241 2.00 0.16 20.67
C PRO A 241 2.10 1.43 19.83
N SER A 242 1.45 1.49 18.68
CA SER A 242 1.39 2.77 17.95
C SER A 242 0.70 3.88 18.71
N LEU A 243 -0.26 3.63 19.63
CA LEU A 243 -0.85 4.63 20.47
C LEU A 243 0.14 5.25 21.45
N VAL A 244 1.29 4.62 21.66
CA VAL A 244 2.37 5.27 22.40
C VAL A 244 3.38 5.84 21.38
N GLU A 245 3.76 5.03 20.40
CA GLU A 245 4.77 5.40 19.40
C GLU A 245 4.53 6.79 18.80
N ASN A 246 3.31 7.07 18.34
CA ASN A 246 3.00 8.21 17.49
C ASN A 246 2.03 9.15 18.21
N ASP A 247 1.83 8.99 19.51
CA ASP A 247 0.88 9.80 20.26
C ASP A 247 1.33 11.26 20.20
N GLY A 248 0.47 12.19 19.76
CA GLY A 248 1.00 13.58 19.75
C GLY A 248 1.33 14.02 18.32
N TYR A 249 1.38 13.08 17.38
CA TYR A 249 1.70 13.35 15.99
C TYR A 249 0.43 13.79 15.26
N PHE A 250 0.16 15.11 15.29
CA PHE A 250 -1.08 15.63 14.71
C PHE A 250 -2.27 15.39 15.66
N ILE A 251 -2.66 14.14 15.89
CA ILE A 251 -3.69 13.81 16.86
C ILE A 251 -3.10 13.17 18.11
N GLU A 252 -3.89 13.13 19.18
CA GLU A 252 -3.38 12.59 20.44
C GLU A 252 -4.49 11.98 21.28
N ASN A 253 -4.13 11.13 22.23
CA ASN A 253 -5.09 10.19 22.83
C ASN A 253 -6.08 10.92 23.72
N GLY A 254 -5.60 12.03 24.34
CA GLY A 254 -6.44 12.78 25.26
C GLY A 254 -7.64 13.34 24.53
N GLY A 255 -7.41 13.96 23.40
CA GLY A 255 -8.52 14.46 22.60
C GLY A 255 -9.38 13.41 21.94
N MET A 256 -8.79 12.30 21.47
CA MET A 256 -9.62 11.21 20.96
C MET A 256 -10.48 10.63 22.09
N ALA A 257 -9.96 10.55 23.32
CA ALA A 257 -10.81 9.96 24.39
C ALA A 257 -12.05 10.80 24.61
N LEU A 258 -11.98 12.13 24.46
CA LEU A 258 -13.20 12.95 24.52
C LEU A 258 -14.24 12.58 23.49
N LEU A 259 -13.84 12.32 22.22
CA LEU A 259 -14.75 11.92 21.18
C LEU A 259 -15.40 10.59 21.56
N VAL A 260 -14.64 9.66 22.09
CA VAL A 260 -15.20 8.37 22.52
C VAL A 260 -16.33 8.62 23.51
N ARG A 261 -16.14 9.47 24.49
CA ARG A 261 -17.17 9.71 25.52
C ARG A 261 -18.40 10.30 24.91
N ALA A 262 -18.24 11.23 23.95
CA ALA A 262 -19.35 11.77 23.19
C ALA A 262 -20.11 10.71 22.41
N TYR A 263 -19.39 9.73 21.83
CA TYR A 263 -20.07 8.73 21.04
C TYR A 263 -20.85 7.74 21.96
N ASP A 264 -20.19 7.37 23.03
CA ASP A 264 -20.70 6.30 23.93
C ASP A 264 -20.59 6.77 25.37
N PRO A 265 -21.47 7.74 25.72
CA PRO A 265 -21.36 8.46 26.98
C PRO A 265 -21.46 7.59 28.22
N THR A 266 -22.18 6.46 28.16
CA THR A 266 -22.22 5.57 29.33
C THR A 266 -21.09 4.58 29.35
N GLY A 267 -20.45 4.32 28.20
CA GLY A 267 -19.31 3.40 28.19
C GLY A 267 -19.82 1.97 28.10
N GLU A 268 -21.12 1.77 27.85
CA GLU A 268 -21.65 0.42 27.82
C GLU A 268 -21.53 -0.23 26.46
N HIS A 269 -21.14 0.54 25.41
CA HIS A 269 -20.80 -0.09 24.15
C HIS A 269 -19.31 -0.17 23.91
N ALA A 270 -18.46 -0.18 24.93
CA ALA A 270 -17.02 -0.22 24.75
C ALA A 270 -16.53 -1.47 24.04
N GLU A 271 -17.27 -2.58 24.07
CA GLU A 271 -16.78 -3.83 23.48
C GLU A 271 -17.85 -4.33 22.54
N ASP A 272 -18.78 -3.47 22.17
CA ASP A 272 -19.68 -3.76 21.05
C ASP A 272 -18.98 -3.50 19.71
N PRO A 273 -19.00 -4.47 18.80
CA PRO A 273 -18.31 -4.35 17.52
C PRO A 273 -19.01 -3.41 16.54
N ILE A 274 -20.30 -3.11 16.77
CA ILE A 274 -20.96 -2.15 15.92
C ILE A 274 -20.49 -0.72 16.28
N ALA A 275 -20.11 -0.49 17.51
CA ALA A 275 -19.58 0.80 17.93
C ALA A 275 -18.09 0.88 17.59
N TRP A 276 -17.35 -0.12 18.03
CA TRP A 276 -15.91 -0.28 17.94
C TRP A 276 -15.52 -1.60 17.27
N PRO A 277 -15.32 -1.57 15.95
CA PRO A 277 -15.20 -2.80 15.16
C PRO A 277 -13.98 -3.62 15.52
N TYR A 278 -13.00 -3.06 16.23
CA TYR A 278 -11.83 -3.75 16.72
C TYR A 278 -12.18 -4.93 17.65
N PHE A 279 -13.36 -4.90 18.26
CA PHE A 279 -13.74 -6.01 19.14
C PHE A 279 -14.52 -7.08 18.42
N ALA A 280 -14.76 -7.01 17.12
CA ALA A 280 -15.51 -8.02 16.38
C ALA A 280 -14.81 -9.35 16.54
N SER A 281 -15.58 -10.45 16.70
CA SER A 281 -14.86 -11.73 16.81
C SER A 281 -14.57 -12.23 15.42
N GLU A 282 -13.71 -13.23 15.21
CA GLU A 282 -13.58 -13.88 13.92
C GLU A 282 -14.87 -14.43 13.38
N ASP A 283 -15.74 -14.95 14.26
CA ASP A 283 -17.01 -15.50 13.76
C ASP A 283 -17.94 -14.45 13.19
N GLU A 284 -17.87 -13.22 13.70
CA GLU A 284 -18.70 -12.16 13.14
C GLU A 284 -18.14 -11.61 11.83
N LEU A 285 -16.84 -11.73 11.61
CA LEU A 285 -16.24 -11.33 10.34
C LEU A 285 -16.24 -12.39 9.25
N ARG A 286 -16.67 -13.62 9.56
CA ARG A 286 -16.84 -14.65 8.50
C ARG A 286 -17.87 -14.22 7.48
N GLY A 287 -17.56 -14.31 6.19
CA GLY A 287 -18.50 -14.19 5.09
C GLY A 287 -18.68 -12.76 4.62
N LEU A 288 -17.89 -11.81 5.12
CA LEU A 288 -17.81 -10.47 4.51
C LEU A 288 -17.21 -10.45 3.13
N PRO A 289 -17.66 -9.51 2.29
CA PRO A 289 -17.06 -9.19 1.02
C PRO A 289 -15.62 -8.62 1.12
N PRO A 290 -15.01 -8.42 -0.05
CA PRO A 290 -13.57 -8.18 -0.03
C PRO A 290 -13.30 -6.87 0.72
N PHE A 291 -12.12 -6.78 1.32
CA PHE A 291 -11.79 -5.57 2.09
C PHE A 291 -10.43 -5.02 1.59
N VAL A 292 -10.26 -3.69 1.71
CA VAL A 292 -8.89 -3.17 1.78
C VAL A 292 -8.78 -2.45 3.11
N VAL A 293 -7.67 -2.58 3.86
CA VAL A 293 -7.43 -1.78 5.02
C VAL A 293 -6.14 -0.98 4.77
N ALA A 294 -6.25 0.34 4.83
CA ALA A 294 -5.01 1.14 4.62
C ALA A 294 -4.77 1.92 5.87
N VAL A 295 -3.54 1.90 6.42
CA VAL A 295 -3.24 2.63 7.64
C VAL A 295 -1.98 3.49 7.36
N ASN A 296 -1.73 4.47 8.23
CA ASN A 296 -0.58 5.33 7.92
C ASN A 296 0.51 5.00 8.89
N GLU A 297 1.78 5.12 8.53
CA GLU A 297 2.85 4.74 9.41
C GLU A 297 2.93 5.60 10.64
N LEU A 298 2.83 6.95 10.54
CA LEU A 298 3.05 7.85 11.66
C LEU A 298 1.76 8.24 12.34
N ASP A 299 0.81 7.30 12.40
CA ASP A 299 -0.54 7.59 12.94
C ASP A 299 -0.61 6.76 14.23
N PRO A 300 -1.05 7.27 15.34
CA PRO A 300 -1.33 6.46 16.53
C PRO A 300 -2.37 5.36 16.30
N LEU A 301 -3.28 5.48 15.34
CA LEU A 301 -4.30 4.51 15.03
C LEU A 301 -3.76 3.38 14.17
N ARG A 302 -2.48 3.47 13.77
CA ARG A 302 -2.00 2.43 12.85
C ARG A 302 -2.34 1.01 13.30
N ASP A 303 -1.92 0.68 14.54
CA ASP A 303 -1.85 -0.73 14.94
C ASP A 303 -3.26 -1.34 15.11
N GLU A 304 -4.27 -0.57 15.46
CA GLU A 304 -5.64 -1.19 15.51
C GLU A 304 -6.16 -1.52 14.16
N GLY A 305 -5.76 -0.76 13.12
CA GLY A 305 -6.22 -1.07 11.76
C GLY A 305 -5.52 -2.36 11.33
N ILE A 306 -4.22 -2.48 11.64
CA ILE A 306 -3.51 -3.69 11.19
C ILE A 306 -4.16 -4.90 11.94
N ALA A 307 -4.32 -4.74 13.24
CA ALA A 307 -4.94 -5.84 14.03
C ALA A 307 -6.26 -6.26 13.43
N PHE A 308 -7.11 -5.31 13.00
CA PHE A 308 -8.35 -5.68 12.31
C PHE A 308 -8.12 -6.43 11.02
N ALA A 309 -7.14 -5.97 10.19
CA ALA A 309 -6.84 -6.67 8.97
C ALA A 309 -6.33 -8.09 9.17
N ARG A 310 -5.49 -8.35 10.15
CA ARG A 310 -5.07 -9.74 10.42
C ARG A 310 -6.22 -10.65 10.84
N ARG A 311 -7.20 -10.05 11.53
CA ARG A 311 -8.32 -10.87 12.03
C ARG A 311 -9.26 -11.13 10.89
N LEU A 312 -9.42 -10.23 9.91
CA LEU A 312 -10.18 -10.52 8.73
C LEU A 312 -9.60 -11.68 7.94
N ALA A 313 -8.27 -11.70 7.83
CA ALA A 313 -7.61 -12.76 7.09
C ALA A 313 -7.77 -14.10 7.81
N ARG A 314 -7.66 -14.09 9.13
CA ARG A 314 -7.95 -15.33 9.88
C ARG A 314 -9.38 -15.78 9.63
N ALA A 315 -10.35 -14.90 9.57
CA ALA A 315 -11.72 -15.26 9.22
C ALA A 315 -11.98 -15.67 7.80
N GLY A 316 -11.00 -15.78 6.88
CA GLY A 316 -11.24 -16.12 5.50
C GLY A 316 -11.74 -15.03 4.59
N VAL A 317 -11.69 -13.76 5.00
CA VAL A 317 -12.14 -12.69 4.11
C VAL A 317 -10.96 -12.29 3.19
N ASP A 318 -11.30 -11.96 1.95
CA ASP A 318 -10.22 -11.56 1.02
C ASP A 318 -9.82 -10.11 1.45
N VAL A 319 -8.72 -9.94 2.12
CA VAL A 319 -8.37 -8.59 2.61
C VAL A 319 -6.99 -8.28 1.93
N ALA A 320 -6.75 -7.04 1.54
CA ALA A 320 -5.32 -6.64 1.31
C ALA A 320 -5.07 -5.47 2.23
N ALA A 321 -3.95 -5.37 2.93
CA ALA A 321 -3.73 -4.37 3.95
C ALA A 321 -2.40 -3.68 3.64
N ARG A 322 -2.37 -2.34 3.86
CA ARG A 322 -1.09 -1.67 3.47
C ARG A 322 -0.78 -0.65 4.55
N VAL A 323 0.47 -0.34 4.79
CA VAL A 323 0.93 0.78 5.60
C VAL A 323 1.59 1.82 4.63
N ASN A 324 1.09 3.05 4.70
CA ASN A 324 1.49 4.10 3.75
C ASN A 324 2.58 4.86 4.49
N ILE A 325 3.79 4.72 3.99
CA ILE A 325 5.01 5.24 4.64
C ILE A 325 5.08 6.77 4.71
N GLY A 326 5.50 7.27 5.84
CA GLY A 326 5.90 8.68 5.98
C GLY A 326 4.72 9.60 6.22
N LEU A 327 3.52 9.09 6.52
CA LEU A 327 2.30 9.87 6.51
C LEU A 327 1.72 9.91 7.92
N VAL A 328 1.43 11.14 8.43
CA VAL A 328 0.60 11.21 9.63
C VAL A 328 -0.87 10.85 9.26
N HIS A 329 -1.65 10.72 10.33
CA HIS A 329 -3.11 10.47 10.21
C HIS A 329 -3.71 11.49 9.23
N GLY A 330 -4.48 11.06 8.26
CA GLY A 330 -5.23 11.89 7.33
C GLY A 330 -4.28 12.62 6.36
N ALA A 331 -3.01 12.32 6.26
CA ALA A 331 -2.08 13.26 5.52
C ALA A 331 -2.44 13.32 4.07
N ASP A 332 -2.83 12.17 3.45
CA ASP A 332 -3.04 12.20 2.02
C ASP A 332 -4.35 12.90 1.65
N VAL A 333 -5.35 13.10 2.49
CA VAL A 333 -6.51 13.82 2.00
C VAL A 333 -6.48 15.27 2.55
N ILE A 334 -5.92 15.45 3.73
CA ILE A 334 -5.94 16.84 4.27
C ILE A 334 -4.72 17.63 3.74
N PHE A 335 -3.56 16.99 3.71
CA PHE A 335 -2.31 17.68 3.32
C PHE A 335 -1.89 17.30 1.93
N ARG A 336 -2.75 16.79 1.04
CA ARG A 336 -2.64 16.57 -0.35
C ARG A 336 -1.79 17.64 -1.09
N HIS A 337 -1.96 18.91 -0.72
CA HIS A 337 -1.24 19.99 -1.48
C HIS A 337 0.27 19.76 -1.37
N TRP A 338 0.76 19.22 -0.27
CA TRP A 338 2.15 18.95 -0.05
C TRP A 338 2.63 17.58 -0.47
N LEU A 339 1.68 16.68 -0.72
CA LEU A 339 1.97 15.26 -0.87
C LEU A 339 1.29 14.70 -2.06
N PRO A 340 1.57 15.22 -3.27
CA PRO A 340 0.88 14.79 -4.46
C PRO A 340 1.00 13.32 -4.76
N ALA A 341 2.14 12.67 -4.52
CA ALA A 341 2.26 11.25 -4.90
C ALA A 341 1.41 10.37 -3.92
N ALA A 342 1.38 10.75 -2.65
CA ALA A 342 0.54 10.03 -1.66
C ALA A 342 -0.93 10.10 -2.01
N LEU A 343 -1.41 11.31 -2.33
CA LEU A 343 -2.79 11.44 -2.84
C LEU A 343 -3.03 10.64 -4.08
N GLU A 344 -2.16 10.73 -5.13
CA GLU A 344 -2.35 9.95 -6.31
C GLU A 344 -2.49 8.44 -6.00
N SER A 345 -1.61 7.92 -5.15
CA SER A 345 -1.69 6.49 -4.83
C SER A 345 -3.01 6.10 -4.16
N THR A 346 -3.50 6.91 -3.25
CA THR A 346 -4.81 6.60 -2.59
C THR A 346 -5.98 6.74 -3.50
N VAL A 347 -6.08 7.73 -4.42
CA VAL A 347 -7.09 7.76 -5.45
C VAL A 347 -7.06 6.54 -6.34
N ARG A 348 -5.87 6.06 -6.75
CA ARG A 348 -5.77 4.96 -7.71
C ARG A 348 -6.27 3.66 -7.03
N ASP A 349 -5.87 3.50 -5.79
CA ASP A 349 -6.30 2.30 -5.07
C ASP A 349 -7.82 2.35 -4.83
N VAL A 350 -8.36 3.44 -4.31
CA VAL A 350 -9.82 3.41 -3.96
C VAL A 350 -10.71 3.32 -5.16
N ALA A 351 -10.39 4.12 -6.24
CA ALA A 351 -11.16 4.03 -7.46
C ALA A 351 -10.97 2.68 -8.17
N GLY A 352 -9.75 2.15 -8.07
CA GLY A 352 -9.49 0.90 -8.79
C GLY A 352 -10.21 -0.25 -8.04
N PHE A 353 -10.17 -0.21 -6.72
CA PHE A 353 -10.83 -1.24 -5.91
C PHE A 353 -12.31 -1.25 -6.31
N ALA A 354 -12.96 -0.09 -6.32
CA ALA A 354 -14.34 0.00 -6.76
C ALA A 354 -14.58 -0.63 -8.11
N ALA A 355 -13.73 -0.30 -9.12
CA ALA A 355 -13.84 -0.88 -10.43
C ALA A 355 -13.65 -2.40 -10.39
N ASP A 356 -12.68 -2.89 -9.62
CA ASP A 356 -12.47 -4.36 -9.55
C ASP A 356 -13.68 -5.05 -8.89
N ARG A 357 -14.29 -4.44 -7.90
CA ARG A 357 -15.49 -5.07 -7.31
C ARG A 357 -16.72 -4.99 -8.21
N ALA A 358 -16.88 -3.97 -9.04
CA ALA A 358 -17.94 -3.92 -10.03
C ALA A 358 -17.69 -4.91 -11.14
N ARG A 359 -16.43 -5.01 -11.59
CA ARG A 359 -16.09 -5.95 -12.64
C ARG A 359 -16.50 -7.36 -12.23
N LEU A 360 -16.17 -7.74 -11.00
CA LEU A 360 -16.23 -9.13 -10.60
C LEU A 360 -17.53 -9.50 -9.90
N ARG A 361 -18.49 -8.61 -9.70
CA ARG A 361 -19.74 -8.98 -9.04
C ARG A 361 -20.66 -9.77 -9.98
N TYR B 1 7.76 -3.26 26.05
CA TYR B 1 7.61 -3.32 24.57
C TYR B 1 8.36 -4.51 24.00
N THR B 2 7.64 -5.33 23.23
CA THR B 2 8.24 -6.49 22.59
C THR B 2 8.27 -6.29 21.08
N PRO B 3 9.45 -6.36 20.48
CA PRO B 3 9.59 -6.19 19.06
C PRO B 3 9.19 -7.47 18.34
N PRO B 4 8.85 -7.35 17.08
CA PRO B 4 8.13 -8.42 16.40
C PRO B 4 9.14 -9.40 15.87
N GLY B 5 8.62 -10.52 15.39
CA GLY B 5 9.45 -11.51 14.70
C GLY B 5 10.61 -11.92 15.57
N ARG B 6 11.74 -12.15 14.90
CA ARG B 6 12.95 -12.63 15.54
C ARG B 6 13.76 -11.54 16.24
N LEU B 7 13.31 -10.30 16.25
CA LEU B 7 13.82 -9.31 17.19
C LEU B 7 13.36 -9.63 18.61
N GLY B 8 12.12 -10.11 18.75
CA GLY B 8 11.51 -10.22 20.07
C GLY B 8 11.71 -11.63 20.61
N ASP B 9 11.91 -12.57 19.70
CA ASP B 9 12.01 -13.98 20.04
C ASP B 9 12.72 -14.68 18.90
N GLU B 10 13.82 -15.33 19.23
CA GLU B 10 14.80 -15.72 18.21
C GLU B 10 14.42 -17.03 17.53
N SER B 11 13.41 -17.72 18.07
CA SER B 11 12.97 -18.98 17.49
C SER B 11 11.69 -18.82 16.67
N SER B 12 11.15 -17.63 16.61
CA SER B 12 10.08 -17.27 15.68
C SER B 12 10.22 -17.88 14.29
N GLY B 13 9.15 -18.48 13.79
CA GLY B 13 9.08 -18.90 12.39
C GLY B 13 7.64 -18.70 11.90
N PRO B 14 7.36 -19.10 10.67
CA PRO B 14 6.06 -18.92 10.04
C PRO B 14 4.93 -19.53 10.84
N ARG B 15 5.23 -20.64 11.56
CA ARG B 15 4.20 -21.37 12.27
C ARG B 15 3.94 -20.75 13.63
N THR B 16 4.81 -19.89 14.15
CA THR B 16 4.64 -19.35 15.48
C THR B 16 4.58 -17.84 15.51
N ASP B 17 4.92 -17.17 14.40
CA ASP B 17 4.81 -15.69 14.40
C ASP B 17 3.39 -15.30 14.07
N PRO B 18 2.69 -14.53 14.89
CA PRO B 18 1.25 -14.31 14.74
C PRO B 18 0.93 -13.30 13.67
N ARG B 19 1.94 -12.63 13.08
CA ARG B 19 1.73 -11.86 11.87
C ARG B 19 1.36 -12.68 10.65
N PHE B 20 1.69 -13.96 10.58
CA PHE B 20 1.35 -14.79 9.42
C PHE B 20 -0.12 -15.18 9.40
N SER B 21 -0.78 -14.97 8.28
CA SER B 21 -2.16 -15.46 8.11
C SER B 21 -2.09 -16.95 7.81
N PRO B 22 -3.19 -17.66 8.06
CA PRO B 22 -3.29 -19.06 7.74
C PRO B 22 -2.95 -19.32 6.29
N ALA B 23 -3.48 -18.53 5.35
CA ALA B 23 -3.20 -18.76 3.95
C ALA B 23 -1.72 -18.61 3.62
N MET B 24 -1.07 -17.62 4.26
CA MET B 24 0.38 -17.47 3.94
C MET B 24 1.10 -18.72 4.43
N VAL B 25 0.78 -19.20 5.64
CA VAL B 25 1.45 -20.42 6.13
C VAL B 25 1.19 -21.63 5.24
N GLU B 26 -0.05 -21.79 4.79
CA GLU B 26 -0.46 -22.87 3.89
C GLU B 26 0.30 -22.86 2.58
N ALA B 27 0.46 -21.67 1.99
CA ALA B 27 1.21 -21.55 0.74
C ALA B 27 2.62 -22.08 0.98
N LEU B 28 3.27 -21.58 2.02
CA LEU B 28 4.63 -21.96 2.35
C LEU B 28 4.74 -23.46 2.65
N ALA B 29 3.79 -23.98 3.43
CA ALA B 29 3.80 -25.39 3.82
C ALA B 29 3.76 -26.32 2.62
N THR B 30 3.34 -25.91 1.45
CA THR B 30 3.34 -26.69 0.23
C THR B 30 4.70 -27.27 -0.12
N PHE B 31 5.77 -26.53 0.12
CA PHE B 31 7.12 -26.90 -0.25
C PHE B 31 7.95 -27.08 1.00
N GLY B 32 7.34 -27.21 2.17
CA GLY B 32 8.08 -27.28 3.41
C GLY B 32 8.76 -26.00 3.87
N LEU B 33 8.28 -24.86 3.41
CA LEU B 33 8.87 -23.54 3.70
C LEU B 33 8.16 -22.85 4.85
N ASP B 34 7.31 -23.57 5.59
CA ASP B 34 6.71 -23.06 6.81
C ASP B 34 7.67 -23.16 7.99
N ALA B 35 8.82 -23.78 7.82
CA ALA B 35 9.90 -23.70 8.79
C ALA B 35 10.94 -22.66 8.37
N VAL B 36 11.75 -22.29 9.35
CA VAL B 36 12.79 -21.29 9.08
C VAL B 36 13.83 -21.86 8.13
N ALA B 37 14.13 -21.12 7.09
CA ALA B 37 15.03 -21.49 6.01
C ALA B 37 16.44 -21.55 6.57
N ALA B 38 17.12 -22.64 6.19
CA ALA B 38 18.48 -22.87 6.66
C ALA B 38 19.54 -22.20 5.79
N ALA B 39 20.52 -21.57 6.39
CA ALA B 39 21.77 -21.19 5.73
C ALA B 39 22.45 -22.35 5.04
N PRO B 40 22.85 -22.19 3.78
CA PRO B 40 23.56 -23.24 3.06
C PRO B 40 24.95 -23.54 3.59
N PRO B 41 25.55 -24.62 3.13
CA PRO B 41 26.85 -25.10 3.59
C PRO B 41 28.02 -24.25 3.14
N VAL B 42 27.91 -23.56 2.00
CA VAL B 42 28.94 -22.62 1.57
C VAL B 42 28.76 -21.23 2.18
N SER B 43 29.86 -20.56 2.54
CA SER B 43 29.78 -19.13 2.80
C SER B 43 30.24 -18.30 1.62
N ALA B 44 29.87 -17.02 1.61
CA ALA B 44 30.09 -16.13 0.47
C ALA B 44 31.58 -15.78 0.35
N SER B 45 32.28 -15.88 1.48
CA SER B 45 33.73 -15.67 1.45
C SER B 45 34.50 -16.91 1.06
N ASP B 46 33.86 -18.07 0.90
CA ASP B 46 34.52 -19.24 0.37
C ASP B 46 35.03 -18.96 -1.05
N ASP B 47 35.67 -19.97 -1.64
CA ASP B 47 36.36 -19.71 -2.90
C ASP B 47 35.30 -19.60 -3.98
N LEU B 48 35.61 -18.85 -5.04
CA LEU B 48 34.61 -18.44 -6.01
C LEU B 48 33.89 -19.64 -6.60
N PRO B 49 34.63 -20.61 -7.12
CA PRO B 49 34.04 -21.74 -7.83
C PRO B 49 33.09 -22.56 -6.97
N THR B 50 33.39 -22.69 -5.68
CA THR B 50 32.48 -23.29 -4.72
C THR B 50 31.23 -22.45 -4.49
N VAL B 51 31.41 -21.15 -4.27
CA VAL B 51 30.31 -20.19 -4.26
C VAL B 51 29.40 -20.34 -5.48
N LEU B 52 29.99 -20.29 -6.67
CA LEU B 52 29.23 -20.34 -7.91
C LEU B 52 28.48 -21.65 -8.14
N ALA B 53 29.03 -22.76 -7.67
CA ALA B 53 28.32 -24.04 -7.72
C ALA B 53 27.10 -24.01 -6.81
N ALA B 54 27.24 -23.40 -5.64
CA ALA B 54 26.11 -23.29 -4.71
C ALA B 54 25.05 -22.36 -5.28
N VAL B 55 25.48 -21.27 -5.91
CA VAL B 55 24.60 -20.42 -6.70
C VAL B 55 23.88 -21.21 -7.77
N GLY B 56 24.53 -21.99 -8.61
CA GLY B 56 23.87 -22.90 -9.52
C GLY B 56 22.82 -23.81 -8.93
N ALA B 57 23.02 -24.38 -7.75
CA ALA B 57 22.04 -25.20 -7.06
C ALA B 57 20.88 -24.36 -6.55
N SER B 58 21.15 -23.13 -6.11
CA SER B 58 20.09 -22.19 -5.79
C SER B 58 19.16 -21.94 -6.97
N HIS B 59 19.74 -21.70 -8.15
CA HIS B 59 18.92 -21.59 -9.35
C HIS B 59 18.02 -22.82 -9.52
N ASP B 60 18.58 -24.02 -9.48
CA ASP B 60 17.80 -25.24 -9.70
C ASP B 60 16.59 -25.29 -8.77
N GLY B 61 16.83 -25.04 -7.48
CA GLY B 61 15.89 -25.09 -6.41
C GLY B 61 14.76 -24.09 -6.57
N PHE B 62 15.09 -22.82 -6.74
CA PHE B 62 14.08 -21.80 -6.96
C PHE B 62 13.37 -22.01 -8.28
N GLN B 63 14.04 -22.37 -9.36
CA GLN B 63 13.37 -22.65 -10.62
C GLN B 63 12.35 -23.80 -10.49
N ALA B 64 12.64 -24.81 -9.68
CA ALA B 64 11.73 -25.97 -9.59
C ALA B 64 10.49 -25.54 -8.82
N VAL B 65 10.65 -24.64 -7.83
CA VAL B 65 9.46 -23.99 -7.27
C VAL B 65 8.65 -23.27 -8.34
N TYR B 66 9.23 -22.39 -9.17
CA TYR B 66 8.48 -21.65 -10.17
C TYR B 66 7.78 -22.59 -11.15
N ASP B 67 8.45 -23.67 -11.55
CA ASP B 67 7.88 -24.52 -12.61
C ASP B 67 6.75 -25.43 -12.11
N SER B 68 6.71 -25.63 -10.82
CA SER B 68 5.89 -26.68 -10.22
C SER B 68 4.70 -26.13 -9.47
N ILE B 69 4.78 -24.90 -8.92
CA ILE B 69 3.75 -24.48 -7.97
C ILE B 69 2.42 -24.19 -8.62
N ALA B 70 1.31 -24.43 -7.89
CA ALA B 70 -0.01 -23.96 -8.34
C ALA B 70 -0.01 -22.44 -8.51
N LEU B 71 -0.67 -21.94 -9.54
CA LEU B 71 -0.68 -20.52 -9.85
C LEU B 71 -2.11 -20.01 -10.08
N ASP B 72 -2.96 -20.85 -10.69
CA ASP B 72 -4.18 -20.34 -11.30
C ASP B 72 -5.16 -19.77 -10.28
N LEU B 73 -5.80 -18.68 -10.70
CA LEU B 73 -6.93 -18.09 -10.00
C LEU B 73 -8.09 -18.08 -11.00
N PRO B 74 -9.32 -18.24 -10.52
CA PRO B 74 -10.49 -18.31 -11.38
C PRO B 74 -10.85 -17.01 -12.08
N THR B 75 -10.40 -15.88 -11.55
CA THR B 75 -10.56 -14.57 -12.13
C THR B 75 -9.46 -14.21 -13.12
N ASP B 76 -8.52 -15.11 -13.41
CA ASP B 76 -7.40 -14.74 -14.24
C ASP B 76 -7.88 -14.36 -15.64
N ARG B 77 -7.21 -13.38 -16.26
CA ARG B 77 -7.63 -12.95 -17.59
C ARG B 77 -6.59 -13.38 -18.62
N ASP B 78 -7.03 -13.90 -19.77
CA ASP B 78 -6.13 -14.57 -20.69
C ASP B 78 -6.24 -14.08 -22.11
N ASP B 79 -6.88 -12.95 -22.35
CA ASP B 79 -7.15 -12.51 -23.72
C ASP B 79 -6.04 -11.55 -24.15
N VAL B 80 -4.85 -12.11 -24.26
CA VAL B 80 -3.60 -11.37 -24.34
C VAL B 80 -2.87 -11.95 -25.56
N GLU B 81 -2.36 -11.10 -26.42
CA GLU B 81 -1.43 -11.64 -27.41
C GLU B 81 0.01 -11.22 -27.11
N THR B 82 0.88 -12.08 -27.62
CA THR B 82 2.30 -12.11 -27.31
C THR B 82 3.08 -12.08 -28.63
N SER B 83 4.22 -11.44 -28.61
CA SER B 83 5.11 -11.44 -29.77
C SER B 83 6.50 -11.31 -29.20
N THR B 84 7.52 -11.56 -30.02
CA THR B 84 8.89 -11.43 -29.49
C THR B 84 9.69 -10.53 -30.43
N GLU B 85 10.70 -9.87 -29.88
CA GLU B 85 11.58 -9.00 -30.64
C GLU B 85 13.00 -9.35 -30.20
N THR B 86 13.98 -9.18 -31.08
CA THR B 86 15.37 -9.32 -30.65
C THR B 86 16.09 -8.01 -30.90
N ILE B 87 16.82 -7.47 -29.93
CA ILE B 87 17.72 -6.36 -30.13
C ILE B 87 19.13 -6.79 -29.75
N LEU B 88 20.14 -5.96 -30.05
CA LEU B 88 21.49 -6.26 -29.58
C LEU B 88 21.91 -5.35 -28.43
N GLY B 89 22.68 -5.90 -27.50
CA GLY B 89 23.15 -5.12 -26.36
C GLY B 89 24.62 -4.77 -26.57
N VAL B 90 25.27 -4.36 -25.49
CA VAL B 90 26.54 -3.64 -25.56
C VAL B 90 27.69 -4.52 -25.99
N ASP B 91 27.58 -5.84 -25.77
CA ASP B 91 28.63 -6.79 -26.10
C ASP B 91 28.36 -7.50 -27.42
N GLY B 92 27.56 -6.94 -28.30
CA GLY B 92 26.93 -7.61 -29.41
C GLY B 92 26.11 -8.84 -29.06
N ASN B 93 25.51 -8.89 -27.88
CA ASN B 93 24.66 -10.01 -27.47
C ASN B 93 23.23 -9.85 -27.91
N GLU B 94 22.56 -10.94 -28.29
CA GLU B 94 21.14 -10.88 -28.64
C GLU B 94 20.29 -10.81 -27.36
N ILE B 95 19.40 -9.82 -27.35
CA ILE B 95 18.51 -9.69 -26.17
C ILE B 95 17.08 -9.97 -26.60
N THR B 96 16.47 -11.04 -26.07
CA THR B 96 15.05 -11.25 -26.44
C THR B 96 14.14 -10.33 -25.62
N LEU B 97 13.20 -9.70 -26.29
CA LEU B 97 12.11 -9.00 -25.62
C LEU B 97 10.82 -9.79 -25.85
N HIS B 98 10.09 -10.03 -24.77
CA HIS B 98 8.79 -10.71 -24.87
C HIS B 98 7.65 -9.73 -24.65
N VAL B 99 6.84 -9.48 -25.64
CA VAL B 99 5.83 -8.45 -25.69
C VAL B 99 4.42 -9.01 -25.53
N PHE B 100 3.67 -8.46 -24.58
CA PHE B 100 2.32 -8.87 -24.23
C PHE B 100 1.36 -7.70 -24.40
N ARG B 101 0.26 -7.87 -25.10
CA ARG B 101 -0.75 -6.78 -25.12
C ARG B 101 -2.14 -7.36 -25.16
N PRO B 102 -3.15 -6.62 -24.70
CA PRO B 102 -4.54 -7.04 -24.74
C PRO B 102 -5.04 -7.31 -26.16
N ALA B 103 -5.57 -8.50 -26.41
CA ALA B 103 -6.11 -8.81 -27.75
C ALA B 103 -7.24 -7.86 -28.11
N GLY B 104 -7.11 -7.17 -29.24
CA GLY B 104 -8.25 -6.58 -29.93
C GLY B 104 -8.55 -5.22 -29.34
N VAL B 105 -7.47 -4.56 -28.90
CA VAL B 105 -7.55 -3.21 -28.36
C VAL B 105 -6.64 -2.33 -29.22
N GLU B 106 -7.25 -1.56 -30.09
CA GLU B 106 -6.49 -0.60 -30.89
C GLU B 106 -6.11 0.60 -30.05
N GLY B 107 -5.04 1.27 -30.46
CA GLY B 107 -4.83 2.63 -29.96
C GLY B 107 -3.78 2.54 -28.85
N VAL B 108 -3.31 3.71 -28.42
CA VAL B 108 -2.07 3.77 -27.65
C VAL B 108 -2.42 3.33 -26.22
N LEU B 109 -1.46 2.76 -25.50
CA LEU B 109 -1.72 2.14 -24.19
C LEU B 109 -0.50 2.42 -23.32
N PRO B 110 -0.65 2.39 -22.00
CA PRO B 110 0.47 2.60 -21.13
C PRO B 110 1.49 1.49 -21.36
N GLY B 111 2.77 1.84 -21.40
CA GLY B 111 3.82 0.83 -21.49
C GLY B 111 4.54 0.57 -20.17
N LEU B 112 4.89 -0.69 -20.02
CA LEU B 112 5.63 -1.15 -18.82
C LEU B 112 6.80 -2.01 -19.34
N VAL B 113 8.00 -1.72 -18.91
CA VAL B 113 9.12 -2.65 -19.09
C VAL B 113 9.35 -3.47 -17.83
N TYR B 114 9.34 -4.80 -17.96
CA TYR B 114 9.44 -5.65 -16.77
C TYR B 114 10.81 -6.31 -16.68
N THR B 115 11.50 -6.00 -15.61
CA THR B 115 12.70 -6.70 -15.15
C THR B 115 12.47 -7.63 -13.98
N HIS B 116 12.61 -8.95 -14.22
CA HIS B 116 12.22 -10.02 -13.30
C HIS B 116 13.22 -10.25 -12.19
N GLY B 117 12.81 -10.94 -11.12
CA GLY B 117 13.63 -11.11 -9.93
C GLY B 117 14.58 -12.30 -10.00
N GLY B 118 15.18 -12.71 -8.89
CA GLY B 118 16.26 -13.72 -8.93
C GLY B 118 17.63 -13.12 -8.62
N GLY B 119 17.64 -11.96 -7.93
CA GLY B 119 18.86 -11.43 -7.33
C GLY B 119 19.87 -11.03 -8.40
N MET B 120 19.42 -10.75 -9.60
CA MET B 120 20.16 -10.46 -10.80
C MET B 120 20.98 -11.64 -11.30
N THR B 121 20.76 -12.84 -10.77
CA THR B 121 21.79 -13.90 -10.79
C THR B 121 21.13 -15.19 -11.26
N ILE B 122 19.92 -15.49 -10.77
CA ILE B 122 19.26 -16.77 -11.10
C ILE B 122 17.83 -16.58 -11.60
N LEU B 123 17.24 -17.62 -12.18
CA LEU B 123 15.88 -17.76 -12.62
C LEU B 123 15.76 -17.38 -14.08
N THR B 124 15.09 -18.20 -14.90
CA THR B 124 14.91 -17.98 -16.30
C THR B 124 13.90 -16.86 -16.54
N THR B 125 14.02 -16.18 -17.68
CA THR B 125 13.06 -15.09 -17.96
C THR B 125 11.72 -15.74 -18.33
N ASP B 126 11.72 -16.54 -19.39
CA ASP B 126 10.47 -17.07 -19.94
C ASP B 126 10.00 -18.30 -19.18
N ASN B 127 9.34 -18.13 -18.06
CA ASN B 127 8.80 -19.21 -17.25
C ASN B 127 7.36 -18.87 -16.84
N ARG B 128 6.64 -19.78 -16.21
CA ARG B 128 5.19 -19.59 -16.09
C ARG B 128 4.86 -18.51 -15.08
N VAL B 129 5.67 -18.31 -14.08
CA VAL B 129 5.44 -17.28 -13.04
C VAL B 129 5.57 -15.88 -13.65
N HIS B 130 6.61 -15.66 -14.45
CA HIS B 130 6.81 -14.35 -15.11
C HIS B 130 5.78 -14.11 -16.17
N ARG B 131 5.38 -15.10 -16.96
CA ARG B 131 4.37 -14.94 -17.98
C ARG B 131 3.02 -14.58 -17.36
N ARG B 132 2.69 -15.22 -16.23
CA ARG B 132 1.41 -14.90 -15.57
C ARG B 132 1.35 -13.42 -15.17
N TRP B 133 2.40 -12.97 -14.51
CA TRP B 133 2.53 -11.56 -14.10
C TRP B 133 2.38 -10.62 -15.28
N CYS B 134 3.16 -10.83 -16.35
CA CYS B 134 3.01 -10.04 -17.57
C CYS B 134 1.65 -10.09 -18.20
N THR B 135 1.00 -11.28 -18.24
CA THR B 135 -0.36 -11.34 -18.75
C THR B 135 -1.38 -10.60 -17.90
N ASP B 136 -1.24 -10.72 -16.60
CA ASP B 136 -2.11 -9.99 -15.66
C ASP B 136 -2.04 -8.49 -15.96
N LEU B 137 -0.83 -7.99 -16.17
CA LEU B 137 -0.64 -6.55 -16.37
C LEU B 137 -1.17 -6.13 -17.74
N ALA B 138 -0.88 -6.94 -18.77
CA ALA B 138 -1.45 -6.65 -20.09
C ALA B 138 -2.98 -6.67 -20.13
N ALA B 139 -3.59 -7.64 -19.44
CA ALA B 139 -5.06 -7.74 -19.42
C ALA B 139 -5.71 -6.60 -18.68
N ALA B 140 -4.99 -5.95 -17.78
CA ALA B 140 -5.44 -4.71 -17.14
C ALA B 140 -5.33 -3.50 -18.06
N GLY B 141 -4.69 -3.62 -19.22
CA GLY B 141 -4.71 -2.57 -20.23
C GLY B 141 -3.33 -1.95 -20.44
N SER B 142 -2.28 -2.76 -20.51
CA SER B 142 -0.91 -2.27 -20.61
C SER B 142 -0.24 -2.95 -21.80
N VAL B 143 0.77 -2.32 -22.42
CA VAL B 143 1.71 -3.13 -23.18
C VAL B 143 2.91 -3.42 -22.27
N VAL B 144 3.30 -4.69 -22.23
CA VAL B 144 4.30 -5.14 -21.24
C VAL B 144 5.44 -5.73 -22.08
N VAL B 145 6.62 -5.21 -21.83
CA VAL B 145 7.83 -5.72 -22.50
C VAL B 145 8.72 -6.37 -21.46
N MET B 146 8.78 -7.70 -21.48
CA MET B 146 9.63 -8.43 -20.54
C MET B 146 11.02 -8.64 -21.13
N VAL B 147 12.04 -8.08 -20.50
CA VAL B 147 13.42 -8.10 -20.95
C VAL B 147 14.11 -9.38 -20.54
N ASP B 148 14.68 -10.11 -21.51
CA ASP B 148 15.55 -11.23 -21.08
C ASP B 148 17.00 -10.80 -20.98
N PHE B 149 17.39 -10.19 -19.88
CA PHE B 149 18.74 -9.70 -19.65
C PHE B 149 19.61 -10.89 -19.24
N ARG B 150 20.93 -10.78 -19.39
CA ARG B 150 21.79 -11.85 -18.90
C ARG B 150 21.83 -11.99 -17.40
N ASN B 151 21.62 -13.20 -16.88
CA ASN B 151 21.81 -13.47 -15.47
C ASN B 151 23.31 -13.50 -15.11
N ALA B 152 23.67 -13.09 -13.91
CA ALA B 152 25.07 -13.21 -13.51
C ALA B 152 25.54 -14.66 -13.47
N TRP B 153 24.67 -15.60 -13.05
CA TRP B 153 25.03 -17.02 -13.22
C TRP B 153 24.15 -17.70 -14.24
N THR B 154 24.78 -18.35 -15.21
CA THR B 154 24.13 -19.35 -16.07
C THR B 154 25.03 -20.58 -16.14
N ALA B 155 24.54 -21.69 -16.68
CA ALA B 155 25.34 -22.90 -16.79
C ALA B 155 26.55 -22.69 -17.71
N GLU B 156 26.40 -21.92 -18.78
CA GLU B 156 27.41 -21.68 -19.77
C GLU B 156 28.19 -20.37 -19.67
N GLY B 157 28.12 -19.61 -18.57
CA GLY B 157 28.81 -18.31 -18.60
C GLY B 157 28.48 -17.42 -17.40
N HIS B 158 29.52 -16.91 -16.75
CA HIS B 158 29.37 -15.95 -15.64
C HIS B 158 29.23 -14.56 -16.23
N HIS B 159 28.25 -13.76 -15.76
CA HIS B 159 28.07 -12.42 -16.31
C HIS B 159 27.83 -11.40 -15.19
N PRO B 160 28.87 -11.12 -14.42
CA PRO B 160 28.78 -10.21 -13.30
C PRO B 160 28.54 -8.76 -13.74
N PHE B 161 28.31 -7.90 -12.75
CA PHE B 161 28.01 -6.48 -13.00
C PHE B 161 29.14 -5.91 -13.87
N PRO B 162 28.82 -5.21 -14.92
CA PRO B 162 27.46 -4.70 -15.15
C PRO B 162 26.68 -5.21 -16.31
N SER B 163 26.84 -6.48 -16.76
CA SER B 163 26.16 -6.93 -17.95
C SER B 163 24.64 -6.84 -17.90
N GLY B 164 23.97 -7.28 -16.82
CA GLY B 164 22.51 -7.18 -16.83
C GLY B 164 21.95 -5.75 -16.88
N VAL B 165 22.53 -4.83 -16.11
CA VAL B 165 22.01 -3.48 -16.12
C VAL B 165 22.21 -2.85 -17.49
N GLU B 166 23.38 -3.11 -18.12
CA GLU B 166 23.49 -2.68 -19.52
C GLU B 166 22.44 -3.26 -20.42
N ASP B 167 22.16 -4.56 -20.27
CA ASP B 167 21.12 -5.18 -21.09
C ASP B 167 19.74 -4.52 -20.87
N CYS B 168 19.38 -4.29 -19.60
CA CYS B 168 18.11 -3.63 -19.28
C CYS B 168 18.05 -2.20 -19.83
N LEU B 169 19.11 -1.39 -19.62
CA LEU B 169 19.22 -0.10 -20.27
C LEU B 169 19.09 -0.16 -21.77
N ALA B 170 19.84 -1.02 -22.48
CA ALA B 170 19.58 -1.18 -23.92
C ALA B 170 18.10 -1.35 -24.26
N ALA B 171 17.40 -2.26 -23.56
CA ALA B 171 15.99 -2.50 -23.85
C ALA B 171 15.09 -1.29 -23.58
N VAL B 172 15.33 -0.57 -22.47
CA VAL B 172 14.54 0.62 -22.18
C VAL B 172 14.71 1.67 -23.28
N LEU B 173 15.94 1.96 -23.69
CA LEU B 173 16.18 2.88 -24.80
C LEU B 173 15.57 2.44 -26.11
N TRP B 174 15.65 1.14 -26.44
CA TRP B 174 14.94 0.64 -27.60
C TRP B 174 13.44 0.87 -27.58
N VAL B 175 12.84 0.58 -26.42
CA VAL B 175 11.40 0.75 -26.28
C VAL B 175 11.05 2.23 -26.41
N ASP B 176 11.83 3.11 -25.80
CA ASP B 176 11.63 4.55 -25.90
C ASP B 176 11.68 5.02 -27.35
N GLU B 177 12.65 4.47 -28.10
CA GLU B 177 12.72 4.80 -29.52
C GLU B 177 11.51 4.28 -30.28
N HIS B 178 10.87 3.21 -29.81
CA HIS B 178 9.78 2.57 -30.53
C HIS B 178 8.42 2.81 -29.89
N ARG B 179 8.28 3.91 -29.14
CA ARG B 179 6.94 4.29 -28.66
C ARG B 179 5.88 4.27 -29.75
N GLU B 180 6.10 4.94 -30.88
CA GLU B 180 5.08 4.94 -31.94
C GLU B 180 4.74 3.57 -32.47
N SER B 181 5.73 2.74 -32.82
CA SER B 181 5.43 1.48 -33.50
C SER B 181 4.82 0.49 -32.53
N LEU B 182 5.23 0.59 -31.26
CA LEU B 182 4.70 -0.26 -30.21
C LEU B 182 3.33 0.18 -29.76
N GLY B 183 2.97 1.43 -30.00
CA GLY B 183 1.68 1.98 -29.60
C GLY B 183 1.69 2.29 -28.10
N LEU B 184 2.68 3.02 -27.62
CA LEU B 184 2.76 3.35 -26.21
C LEU B 184 2.52 4.84 -25.95
N SER B 185 1.79 5.08 -24.85
CA SER B 185 1.60 6.41 -24.31
C SER B 185 2.48 6.68 -23.12
N GLY B 186 3.19 5.69 -22.58
CA GLY B 186 4.14 6.00 -21.48
C GLY B 186 5.08 4.81 -21.37
N VAL B 187 6.19 5.02 -20.68
CA VAL B 187 7.11 3.93 -20.39
C VAL B 187 7.41 3.99 -18.89
N VAL B 188 6.92 2.95 -18.18
CA VAL B 188 7.31 2.74 -16.80
C VAL B 188 8.18 1.51 -16.65
N VAL B 189 9.23 1.59 -15.81
CA VAL B 189 10.03 0.40 -15.54
C VAL B 189 9.60 -0.22 -14.20
N GLN B 190 9.25 -1.52 -14.23
CA GLN B 190 8.90 -2.19 -12.97
C GLN B 190 9.62 -3.52 -12.82
N GLY B 191 9.81 -3.94 -11.59
CA GLY B 191 10.32 -5.28 -11.33
C GLY B 191 10.30 -5.61 -9.86
N GLU B 192 10.55 -6.89 -9.52
CA GLU B 192 10.54 -7.23 -8.09
C GLU B 192 11.90 -7.82 -7.69
N SER B 193 12.31 -7.50 -6.49
CA SER B 193 13.46 -8.10 -5.83
C SER B 193 14.74 -7.78 -6.62
N GLY B 194 15.53 -8.70 -7.16
CA GLY B 194 16.58 -8.31 -8.12
C GLY B 194 16.11 -7.47 -9.29
N GLY B 195 14.89 -7.65 -9.78
CA GLY B 195 14.30 -6.83 -10.81
C GLY B 195 14.01 -5.40 -10.34
N GLY B 196 13.62 -5.23 -9.07
CA GLY B 196 13.51 -3.88 -8.52
C GLY B 196 14.89 -3.18 -8.45
N ASN B 197 15.91 -3.83 -7.93
CA ASN B 197 17.31 -3.41 -8.15
C ASN B 197 17.55 -2.99 -9.58
N LEU B 198 17.31 -3.83 -10.58
CA LEU B 198 17.57 -3.46 -11.96
C LEU B 198 16.69 -2.33 -12.46
N ALA B 199 15.43 -2.24 -12.02
CA ALA B 199 14.62 -1.09 -12.43
C ALA B 199 15.22 0.24 -11.93
N ILE B 200 15.68 0.35 -10.70
CA ILE B 200 16.26 1.55 -10.14
C ILE B 200 17.65 1.81 -10.75
N ALA B 201 18.45 0.76 -10.87
CA ALA B 201 19.82 0.96 -11.38
C ALA B 201 19.84 1.40 -12.83
N THR B 202 18.98 0.84 -13.69
CA THR B 202 18.72 1.29 -15.03
C THR B 202 18.33 2.75 -15.13
N THR B 203 17.49 3.21 -14.22
CA THR B 203 17.10 4.61 -14.15
C THR B 203 18.28 5.49 -13.76
N LEU B 204 19.11 5.04 -12.83
CA LEU B 204 20.24 5.84 -12.39
C LEU B 204 21.27 5.94 -13.53
N LEU B 205 21.45 4.86 -14.25
CA LEU B 205 22.34 4.79 -15.40
C LEU B 205 21.83 5.62 -16.56
N ALA B 206 20.54 5.56 -16.88
CA ALA B 206 19.97 6.44 -17.87
C ALA B 206 20.22 7.91 -17.49
N LYS B 207 20.06 8.29 -16.22
CA LYS B 207 20.36 9.64 -15.82
C LYS B 207 21.83 10.05 -16.04
N ARG B 208 22.75 9.16 -15.72
CA ARG B 208 24.17 9.42 -15.95
C ARG B 208 24.49 9.59 -17.42
N ARG B 209 23.82 8.87 -18.29
CA ARG B 209 24.12 8.89 -19.71
C ARG B 209 23.26 9.90 -20.45
N GLY B 210 22.52 10.75 -19.74
CA GLY B 210 21.72 11.78 -20.37
C GLY B 210 20.44 11.29 -21.02
N ARG B 211 19.90 10.11 -20.67
CA ARG B 211 18.65 9.73 -21.32
C ARG B 211 17.59 9.38 -20.27
N LEU B 212 17.52 10.21 -19.24
CA LEU B 212 16.45 10.15 -18.24
C LEU B 212 15.08 10.38 -18.86
N ASP B 213 14.96 11.12 -19.96
CA ASP B 213 13.68 11.27 -20.65
C ASP B 213 13.06 10.02 -21.21
N ALA B 214 13.77 8.90 -21.28
CA ALA B 214 13.26 7.65 -21.78
C ALA B 214 12.27 7.05 -20.73
N ILE B 215 12.34 7.45 -19.47
CA ILE B 215 11.61 6.75 -18.40
C ILE B 215 10.63 7.74 -17.74
N ASP B 216 9.34 7.43 -17.83
CA ASP B 216 8.26 8.22 -17.26
C ASP B 216 7.94 7.87 -15.80
N GLY B 217 8.52 6.82 -15.24
CA GLY B 217 8.23 6.47 -13.83
C GLY B 217 8.77 5.08 -13.51
N VAL B 218 8.94 4.83 -12.24
CA VAL B 218 9.57 3.58 -11.79
C VAL B 218 8.65 3.00 -10.69
N TYR B 219 8.37 1.71 -10.78
CA TYR B 219 7.66 0.99 -9.70
C TYR B 219 8.59 -0.08 -9.17
N ALA B 220 9.22 0.11 -8.05
CA ALA B 220 10.23 -0.79 -7.55
C ALA B 220 9.55 -1.68 -6.50
N SER B 221 9.31 -2.95 -6.89
CA SER B 221 8.74 -3.84 -5.86
C SER B 221 9.76 -4.62 -5.08
N ILE B 222 9.54 -4.77 -3.78
CA ILE B 222 10.37 -5.48 -2.81
C ILE B 222 11.85 -5.50 -3.17
N PRO B 223 12.44 -4.30 -3.33
CA PRO B 223 13.76 -4.20 -3.90
C PRO B 223 14.84 -4.92 -3.12
N TYR B 224 15.83 -5.46 -3.87
CA TYR B 224 16.99 -6.14 -3.26
C TYR B 224 18.24 -5.29 -3.59
N ILE B 225 18.54 -4.34 -2.68
CA ILE B 225 19.37 -3.20 -3.07
C ILE B 225 20.45 -2.89 -2.06
N SER B 226 20.63 -3.59 -0.95
CA SER B 226 21.66 -3.19 0.02
C SER B 226 22.96 -3.95 -0.25
N GLY B 227 22.77 -5.23 -0.62
CA GLY B 227 23.89 -6.13 -0.80
C GLY B 227 24.49 -6.46 0.55
N GLY B 228 23.76 -6.31 1.63
CA GLY B 228 24.22 -6.22 2.99
C GLY B 228 23.99 -7.51 3.74
N TYR B 229 23.83 -8.62 3.02
CA TYR B 229 23.31 -9.83 3.70
C TYR B 229 24.40 -10.55 4.45
N ALA B 230 25.66 -10.28 4.15
CA ALA B 230 26.74 -10.85 4.98
C ALA B 230 27.17 -9.90 6.09
N TRP B 231 26.60 -8.73 6.27
CA TRP B 231 27.04 -7.86 7.36
C TRP B 231 26.85 -8.58 8.71
N ASP B 232 27.67 -8.26 9.71
CA ASP B 232 27.60 -8.93 11.00
C ASP B 232 26.27 -8.62 11.68
N HIS B 233 25.97 -9.31 12.77
CA HIS B 233 24.68 -9.20 13.43
C HIS B 233 24.44 -7.78 13.91
N GLU B 234 25.45 -7.14 14.50
CA GLU B 234 25.27 -5.82 15.08
C GLU B 234 25.01 -4.78 14.00
N ARG B 235 25.64 -4.85 12.84
CA ARG B 235 25.37 -3.83 11.83
C ARG B 235 23.94 -4.03 11.28
N ARG B 236 23.57 -5.29 11.05
CA ARG B 236 22.19 -5.56 10.57
C ARG B 236 21.16 -5.12 11.59
N LEU B 237 21.28 -5.47 12.86
CA LEU B 237 20.47 -4.95 13.95
C LEU B 237 20.31 -3.43 13.97
N THR B 238 21.40 -2.69 13.81
CA THR B 238 21.32 -1.25 14.07
C THR B 238 20.90 -0.52 12.80
N GLU B 239 21.25 -1.02 11.63
CA GLU B 239 21.04 -0.28 10.40
C GLU B 239 19.85 -0.81 9.58
N LEU B 240 19.73 -2.13 9.48
CA LEU B 240 18.57 -2.64 8.70
C LEU B 240 17.90 -3.80 9.46
N PRO B 241 17.16 -3.52 10.51
CA PRO B 241 16.69 -4.50 11.46
C PRO B 241 15.76 -5.59 10.92
N SER B 242 15.17 -5.42 9.77
CA SER B 242 14.36 -6.44 9.11
C SER B 242 15.23 -7.58 8.63
N LEU B 243 16.55 -7.31 8.47
CA LEU B 243 17.48 -8.39 8.16
C LEU B 243 17.70 -9.28 9.38
N VAL B 244 17.33 -8.88 10.59
CA VAL B 244 17.33 -9.84 11.69
C VAL B 244 15.91 -10.36 11.92
N GLU B 245 14.98 -9.42 12.01
CA GLU B 245 13.58 -9.70 12.24
C GLU B 245 13.07 -10.88 11.43
N ASN B 246 13.19 -10.84 10.10
CA ASN B 246 12.50 -11.80 9.23
C ASN B 246 13.46 -12.72 8.53
N ASP B 247 14.67 -12.94 9.07
CA ASP B 247 15.67 -13.77 8.38
C ASP B 247 15.26 -15.25 8.47
N GLY B 248 15.22 -15.92 7.35
CA GLY B 248 14.81 -17.33 7.32
C GLY B 248 13.32 -17.46 6.97
N TYR B 249 12.58 -16.37 6.86
CA TYR B 249 11.20 -16.43 6.36
C TYR B 249 11.17 -16.53 4.87
N PHE B 250 11.08 -17.74 4.31
CA PHE B 250 11.26 -18.05 2.91
C PHE B 250 12.70 -17.89 2.41
N ILE B 251 13.31 -16.71 2.49
CA ILE B 251 14.66 -16.48 2.02
C ILE B 251 15.50 -16.16 3.25
N GLU B 252 16.82 -16.10 3.05
CA GLU B 252 17.72 -16.15 4.22
C GLU B 252 19.02 -15.46 3.88
N ASN B 253 19.66 -14.81 4.86
CA ASN B 253 20.79 -13.93 4.56
C ASN B 253 21.97 -14.66 3.95
N GLY B 254 22.32 -15.83 4.49
CA GLY B 254 23.31 -16.70 3.92
C GLY B 254 23.18 -17.00 2.45
N GLY B 255 22.01 -17.43 1.96
CA GLY B 255 21.86 -17.72 0.54
C GLY B 255 21.93 -16.47 -0.30
N MET B 256 21.42 -15.34 0.23
CA MET B 256 21.50 -14.10 -0.53
C MET B 256 22.94 -13.61 -0.68
N ALA B 257 23.79 -13.77 0.32
CA ALA B 257 25.19 -13.36 0.24
C ALA B 257 25.96 -14.13 -0.82
N LEU B 258 25.59 -15.39 -1.08
CA LEU B 258 26.13 -16.09 -2.24
C LEU B 258 25.84 -15.38 -3.55
N LEU B 259 24.60 -14.92 -3.74
CA LEU B 259 24.25 -14.22 -4.98
C LEU B 259 24.96 -12.87 -5.10
N VAL B 260 25.22 -12.23 -3.97
CA VAL B 260 25.93 -10.95 -3.96
C VAL B 260 27.33 -11.17 -4.56
N ARG B 261 27.96 -12.22 -4.09
CA ARG B 261 29.27 -12.67 -4.55
C ARG B 261 29.29 -12.98 -6.02
N ALA B 262 28.30 -13.69 -6.56
CA ALA B 262 28.21 -13.90 -7.99
C ALA B 262 28.04 -12.60 -8.77
N TYR B 263 27.34 -11.61 -8.22
CA TYR B 263 27.08 -10.38 -8.97
C TYR B 263 28.34 -9.50 -8.97
N ASP B 264 29.08 -9.51 -7.87
CA ASP B 264 30.25 -8.62 -7.73
C ASP B 264 31.41 -9.39 -7.11
N PRO B 265 32.07 -10.24 -7.89
CA PRO B 265 32.93 -11.28 -7.34
C PRO B 265 34.16 -10.72 -6.61
N THR B 266 34.63 -9.54 -7.03
CA THR B 266 35.74 -8.90 -6.33
C THR B 266 35.27 -8.14 -5.10
N GLY B 267 34.04 -7.58 -5.17
CA GLY B 267 33.57 -6.76 -4.05
C GLY B 267 33.93 -5.29 -4.24
N GLU B 268 34.42 -4.90 -5.41
CA GLU B 268 34.76 -3.49 -5.62
C GLU B 268 33.56 -2.65 -6.00
N HIS B 269 32.37 -3.26 -6.10
CA HIS B 269 31.16 -2.51 -6.37
C HIS B 269 30.24 -2.45 -5.17
N ALA B 270 30.72 -2.83 -3.99
CA ALA B 270 29.85 -2.97 -2.82
C ALA B 270 29.14 -1.68 -2.45
N GLU B 271 29.76 -0.51 -2.67
CA GLU B 271 29.12 0.75 -2.33
C GLU B 271 28.90 1.61 -3.56
N ASP B 272 28.86 0.97 -4.71
CA ASP B 272 28.45 1.56 -5.97
C ASP B 272 26.92 1.51 -6.12
N PRO B 273 26.29 2.67 -6.27
CA PRO B 273 24.85 2.79 -6.39
C PRO B 273 24.27 2.17 -7.65
N ILE B 274 25.05 2.01 -8.74
CA ILE B 274 24.48 1.28 -9.88
C ILE B 274 24.36 -0.21 -9.60
N ALA B 275 25.21 -0.76 -8.78
CA ALA B 275 25.11 -2.15 -8.36
C ALA B 275 24.10 -2.28 -7.22
N TRP B 276 24.22 -1.39 -6.23
CA TRP B 276 23.49 -1.48 -4.98
C TRP B 276 22.93 -0.09 -4.66
N PRO B 277 21.78 0.24 -5.23
CA PRO B 277 21.11 1.52 -5.09
C PRO B 277 20.73 1.94 -3.68
N TYR B 278 20.92 1.16 -2.65
CA TYR B 278 20.86 1.61 -1.27
C TYR B 278 21.94 2.67 -0.99
N PHE B 279 23.05 2.64 -1.75
CA PHE B 279 24.12 3.60 -1.47
C PHE B 279 24.02 4.85 -2.33
N ALA B 280 23.01 5.02 -3.16
CA ALA B 280 22.78 6.29 -3.86
C ALA B 280 22.64 7.44 -2.86
N SER B 281 23.39 8.53 -3.10
CA SER B 281 23.19 9.70 -2.24
C SER B 281 21.98 10.50 -2.70
N GLU B 282 21.53 11.44 -1.86
CA GLU B 282 20.42 12.31 -2.25
C GLU B 282 20.70 13.13 -3.48
N ASP B 283 21.95 13.62 -3.67
CA ASP B 283 22.22 14.41 -4.86
C ASP B 283 22.12 13.59 -6.11
N GLU B 284 22.46 12.31 -6.05
CA GLU B 284 22.23 11.41 -7.19
C GLU B 284 20.74 11.22 -7.47
N LEU B 285 19.90 11.19 -6.43
CA LEU B 285 18.48 10.84 -6.66
C LEU B 285 17.64 12.04 -7.06
N ARG B 286 18.17 13.25 -6.85
CA ARG B 286 17.53 14.47 -7.32
C ARG B 286 17.15 14.45 -8.77
N GLY B 287 15.93 14.90 -9.13
CA GLY B 287 15.47 14.97 -10.51
C GLY B 287 14.91 13.70 -11.14
N LEU B 288 14.89 12.58 -10.41
CA LEU B 288 14.23 11.37 -10.94
C LEU B 288 12.74 11.57 -11.15
N PRO B 289 12.13 10.79 -12.03
CA PRO B 289 10.69 10.76 -12.24
C PRO B 289 10.01 9.99 -11.09
N PRO B 290 8.71 10.08 -11.10
CA PRO B 290 7.91 9.57 -9.93
C PRO B 290 8.19 8.11 -9.69
N PHE B 291 8.20 7.71 -8.42
CA PHE B 291 8.50 6.37 -7.99
C PHE B 291 7.31 5.80 -7.16
N VAL B 292 7.04 4.52 -7.26
CA VAL B 292 6.45 3.80 -6.10
C VAL B 292 7.47 2.80 -5.56
N VAL B 293 7.58 2.66 -4.26
CA VAL B 293 8.37 1.61 -3.64
C VAL B 293 7.37 0.75 -2.77
N ALA B 294 7.32 -0.54 -3.09
CA ALA B 294 6.36 -1.38 -2.27
C ALA B 294 7.22 -2.41 -1.59
N VAL B 295 7.13 -2.55 -0.26
CA VAL B 295 7.92 -3.57 0.40
C VAL B 295 6.97 -4.57 1.10
N ASN B 296 7.50 -5.72 1.53
CA ASN B 296 6.50 -6.62 2.22
C ASN B 296 6.85 -6.77 3.66
N GLU B 297 5.84 -6.90 4.56
CA GLU B 297 6.05 -6.75 5.97
C GLU B 297 7.00 -7.83 6.48
N LEU B 298 6.87 -9.05 5.89
CA LEU B 298 7.56 -10.18 6.53
C LEU B 298 8.80 -10.56 5.73
N ASP B 299 9.37 -9.57 5.03
CA ASP B 299 10.53 -9.81 4.14
C ASP B 299 11.77 -9.29 4.85
N PRO B 300 12.88 -10.04 4.93
CA PRO B 300 14.12 -9.51 5.46
C PRO B 300 14.56 -8.25 4.72
N LEU B 301 14.25 -8.10 3.46
CA LEU B 301 14.60 -6.94 2.65
C LEU B 301 13.79 -5.68 2.89
N ARG B 302 12.76 -5.74 3.73
CA ARG B 302 11.80 -4.66 3.90
C ARG B 302 12.50 -3.30 4.22
N ASP B 303 13.41 -3.31 5.15
CA ASP B 303 13.95 -2.09 5.73
C ASP B 303 14.86 -1.38 4.71
N GLU B 304 15.56 -2.10 3.80
CA GLU B 304 16.35 -1.39 2.81
C GLU B 304 15.48 -0.69 1.80
N GLY B 305 14.27 -1.21 1.46
CA GLY B 305 13.43 -0.52 0.49
C GLY B 305 12.84 0.74 1.14
N ILE B 306 12.49 0.65 2.42
CA ILE B 306 11.88 1.79 3.12
C ILE B 306 12.92 2.93 3.23
N ALA B 307 14.12 2.56 3.58
CA ALA B 307 15.24 3.54 3.62
C ALA B 307 15.41 4.25 2.29
N PHE B 308 15.43 3.55 1.17
CA PHE B 308 15.51 4.10 -0.16
C PHE B 308 14.33 5.02 -0.40
N ALA B 309 13.09 4.61 -0.04
CA ALA B 309 11.94 5.46 -0.29
C ALA B 309 12.09 6.75 0.55
N ARG B 310 12.52 6.72 1.78
CA ARG B 310 12.71 7.90 2.60
C ARG B 310 13.79 8.85 2.00
N ARG B 311 14.83 8.27 1.44
CA ARG B 311 15.85 9.11 0.78
C ARG B 311 15.37 9.76 -0.48
N LEU B 312 14.60 9.10 -1.35
CA LEU B 312 13.86 9.72 -2.43
C LEU B 312 13.03 10.92 -2.00
N ALA B 313 12.33 10.79 -0.87
CA ALA B 313 11.44 11.87 -0.46
C ALA B 313 12.35 13.07 -0.04
N ARG B 314 13.42 12.79 0.66
CA ARG B 314 14.36 13.86 1.03
C ARG B 314 14.96 14.55 -0.18
N ALA B 315 15.18 13.87 -1.29
CA ALA B 315 15.68 14.35 -2.53
C ALA B 315 14.61 15.06 -3.34
N GLY B 316 13.38 15.14 -2.87
CA GLY B 316 12.34 15.82 -3.62
C GLY B 316 11.74 15.02 -4.74
N VAL B 317 11.97 13.71 -4.79
CA VAL B 317 11.25 12.88 -5.80
C VAL B 317 9.79 12.64 -5.31
N ASP B 318 8.86 12.60 -6.24
CA ASP B 318 7.47 12.24 -5.85
C ASP B 318 7.45 10.74 -5.65
N VAL B 319 7.43 10.27 -4.40
CA VAL B 319 7.51 8.86 -4.15
C VAL B 319 6.22 8.51 -3.28
N ALA B 320 5.56 7.43 -3.64
CA ALA B 320 4.59 6.91 -2.59
C ALA B 320 5.13 5.56 -2.16
N ALA B 321 5.16 5.20 -0.90
CA ALA B 321 5.82 3.96 -0.51
C ALA B 321 4.84 3.15 0.38
N ARG B 322 4.87 1.84 0.26
CA ARG B 322 3.84 1.05 1.01
C ARG B 322 4.47 -0.22 1.53
N VAL B 323 4.03 -0.64 2.71
CA VAL B 323 4.34 -1.94 3.29
C VAL B 323 3.07 -2.83 3.14
N ASN B 324 3.24 -3.94 2.44
CA ASN B 324 2.12 -4.84 2.18
C ASN B 324 2.07 -5.83 3.35
N ILE B 325 1.04 -5.72 4.19
CA ILE B 325 0.92 -6.50 5.41
C ILE B 325 0.77 -8.00 5.18
N GLY B 326 1.42 -8.83 6.02
CA GLY B 326 1.10 -10.25 6.10
C GLY B 326 1.88 -11.01 5.05
N LEU B 327 2.83 -10.43 4.29
CA LEU B 327 3.37 -11.14 3.12
C LEU B 327 4.86 -11.44 3.29
N VAL B 328 5.28 -12.63 2.87
CA VAL B 328 6.71 -12.94 2.86
C VAL B 328 7.26 -12.31 1.57
N HIS B 329 8.59 -12.33 1.41
CA HIS B 329 9.14 -11.91 0.08
C HIS B 329 8.53 -12.58 -1.11
N GLY B 330 8.03 -11.83 -2.12
CA GLY B 330 7.58 -12.39 -3.37
C GLY B 330 6.16 -12.98 -3.30
N ALA B 331 5.48 -12.90 -2.17
CA ALA B 331 4.25 -13.67 -1.95
C ALA B 331 3.14 -13.38 -2.94
N ASP B 332 2.90 -12.13 -3.26
CA ASP B 332 1.84 -11.72 -4.17
C ASP B 332 2.02 -12.34 -5.56
N VAL B 333 3.22 -12.44 -6.10
CA VAL B 333 3.44 -13.00 -7.42
C VAL B 333 3.74 -14.50 -7.42
N ILE B 334 4.43 -15.03 -6.42
CA ILE B 334 4.79 -16.43 -6.41
C ILE B 334 3.66 -17.27 -5.80
N PHE B 335 3.02 -16.75 -4.75
CA PHE B 335 2.07 -17.50 -3.97
C PHE B 335 0.69 -16.90 -4.21
N ARG B 336 0.49 -16.30 -5.37
CA ARG B 336 -0.76 -15.69 -5.78
C ARG B 336 -1.97 -16.62 -5.67
N HIS B 337 -1.78 -17.92 -5.95
CA HIS B 337 -2.90 -18.87 -5.89
C HIS B 337 -3.54 -18.86 -4.49
N TRP B 338 -2.80 -18.64 -3.41
CA TRP B 338 -3.30 -18.64 -2.06
C TRP B 338 -3.72 -17.26 -1.58
N LEU B 339 -3.37 -16.19 -2.30
CA LEU B 339 -3.50 -14.82 -1.87
C LEU B 339 -4.09 -13.93 -2.93
N PRO B 340 -5.34 -14.16 -3.36
CA PRO B 340 -5.93 -13.44 -4.45
C PRO B 340 -6.10 -11.94 -4.16
N ALA B 341 -6.36 -11.55 -2.93
CA ALA B 341 -6.58 -10.12 -2.68
C ALA B 341 -5.22 -9.38 -2.83
N ALA B 342 -4.16 -9.97 -2.33
CA ALA B 342 -2.82 -9.36 -2.43
C ALA B 342 -2.35 -9.26 -3.86
N LEU B 343 -2.55 -10.30 -4.68
CA LEU B 343 -2.27 -10.17 -6.10
C LEU B 343 -3.13 -9.12 -6.79
N GLU B 344 -4.43 -9.09 -6.45
CA GLU B 344 -5.28 -8.10 -7.09
C GLU B 344 -4.80 -6.68 -6.75
N SER B 345 -4.46 -6.48 -5.50
CA SER B 345 -4.00 -5.14 -5.07
C SER B 345 -2.71 -4.70 -5.80
N THR B 346 -1.78 -5.61 -5.99
CA THR B 346 -0.51 -5.31 -6.68
C THR B 346 -0.73 -5.06 -8.13
N VAL B 347 -1.59 -5.83 -8.83
CA VAL B 347 -1.87 -5.56 -10.23
C VAL B 347 -2.49 -4.16 -10.43
N ARG B 348 -3.47 -3.83 -9.62
CA ARG B 348 -4.22 -2.58 -9.70
C ARG B 348 -3.25 -1.40 -9.53
N ASP B 349 -2.34 -1.48 -8.57
CA ASP B 349 -1.40 -0.36 -8.35
C ASP B 349 -0.34 -0.33 -9.45
N VAL B 350 0.15 -1.46 -9.96
CA VAL B 350 1.22 -1.39 -11.01
C VAL B 350 0.61 -0.91 -12.30
N ALA B 351 -0.53 -1.47 -12.71
CA ALA B 351 -1.19 -1.03 -13.94
C ALA B 351 -1.69 0.41 -13.80
N GLY B 352 -2.23 0.78 -12.65
CA GLY B 352 -2.80 2.09 -12.40
C GLY B 352 -1.65 3.15 -12.47
N PHE B 353 -0.55 2.87 -11.81
CA PHE B 353 0.64 3.76 -11.85
C PHE B 353 1.15 3.93 -13.29
N ALA B 354 1.19 2.87 -14.10
CA ALA B 354 1.58 2.99 -15.50
C ALA B 354 0.59 3.84 -16.29
N ALA B 355 -0.71 3.76 -15.96
CA ALA B 355 -1.74 4.56 -16.61
C ALA B 355 -1.64 6.02 -16.11
N ASP B 356 -1.36 6.24 -14.84
CA ASP B 356 -1.22 7.59 -14.30
C ASP B 356 -0.04 8.33 -14.94
N ARG B 357 1.10 7.68 -15.11
CA ARG B 357 2.29 8.29 -15.68
C ARG B 357 2.08 8.65 -17.16
N ALA B 358 1.38 7.82 -17.91
CA ALA B 358 1.04 8.07 -19.29
C ALA B 358 0.02 9.20 -19.45
N ARG B 359 -1.06 9.17 -18.70
CA ARG B 359 -1.99 10.28 -18.58
C ARG B 359 -1.29 11.63 -18.39
N LEU B 360 -0.34 11.75 -17.50
CA LEU B 360 0.21 13.03 -17.07
C LEU B 360 1.55 13.37 -17.71
N ARG B 361 1.94 12.60 -18.71
CA ARG B 361 3.12 12.90 -19.51
C ARG B 361 3.10 14.33 -20.06
#